data_3FRU
#
_entry.id   3FRU
#
_cell.length_a   126.500
_cell.length_b   191.700
_cell.length_c   149.600
_cell.angle_alpha   90.00
_cell.angle_beta   90.00
_cell.angle_gamma   90.00
#
_symmetry.space_group_name_H-M   'C 2 2 21'
#
loop_
_entity.id
_entity.type
_entity.pdbx_description
1 polymer 'NEONATAL FC RECEPTOR'
2 polymer BETA-2-MICROGLOBULIN
3 branched beta-D-galactopyranose-(1-4)-2-acetamido-2-deoxy-beta-D-glucopyranose-(1-2)-alpha-D-mannopyranose-(1-6)-beta-D-mannopyranose-(1-4)-2-acetamido-2-deoxy-alpha-D-glucopyranose-(1-4)-[beta-L-fucopyranose-(1-6)]2-acetamido-2-deoxy-beta-D-glucopyranose
4 branched beta-D-galactopyranose-(1-4)-2-acetamido-2-deoxy-alpha-D-glucopyranose-(1-2)-alpha-D-mannopyranose-(1-6)-beta-D-mannopyranose-(1-4)-2-acetamido-2-deoxy-beta-D-glucopyranose-(1-4)-[alpha-L-fucopyranose-(1-6)]2-acetamido-2-deoxy-beta-D-glucopyranose
5 non-polymer 2-acetamido-2-deoxy-beta-D-glucopyranose
6 non-polymer 'SULFATE ION'
7 non-polymer BETA-MERCAPTOETHANOL
8 water water
#
loop_
_entity_poly.entity_id
_entity_poly.type
_entity_poly.pdbx_seq_one_letter_code
_entity_poly.pdbx_strand_id
1 'polypeptide(L)'
;AEPRLPLMYHLAAVSDLSTGLPSFWATGWLGAQQYLTYNNLRQEADPCGAWIWENQVSWYWEKETTDLKSKEQLFLEAIR
TLENQINGTFTLQGLLGCELAPDNSSLPTAVFALNGEEFMRFNPRTGNWSGEWPETDIVGNLWMKQPEAARKESEFLLTS
CPERLLGHLERGRQNLEWKEPPSMRLKARPGNSGSSVLTCAAFSFYPPELKFRFLRNGLASGSGNCSTGPNGDGSFHAWS
LLEVKRGDEHHYQCQVEHEGLAQPLTVDL
;
A,C,E
2 'polypeptide(L)'
;IQKTPQIQVYSRHPPENGKPNFLNCYVSQFHPPQIEIELLKNGKKIPNIEMSDLSFSKDWSFYILAHTEFTPTETDVYAC
RVKHVTLKEPKTVTWDRDM
;
B,D,F
#
loop_
_chem_comp.id
_chem_comp.type
_chem_comp.name
_chem_comp.formula
BMA D-saccharide, beta linking beta-D-mannopyranose 'C6 H12 O6'
BME non-polymer BETA-MERCAPTOETHANOL 'C2 H6 O S'
FUC L-saccharide, alpha linking alpha-L-fucopyranose 'C6 H12 O5'
FUL L-saccharide, beta linking beta-L-fucopyranose 'C6 H12 O5'
GAL D-saccharide, beta linking beta-D-galactopyranose 'C6 H12 O6'
MAN D-saccharide, alpha linking alpha-D-mannopyranose 'C6 H12 O6'
NAG D-saccharide, beta linking 2-acetamido-2-deoxy-beta-D-glucopyranose 'C8 H15 N O6'
NDG D-saccharide, alpha linking 2-acetamido-2-deoxy-alpha-D-glucopyranose 'C8 H15 N O6'
SO4 non-polymer 'SULFATE ION' 'O4 S -2'
#
# COMPACT_ATOMS: atom_id res chain seq x y z
N ALA A 1 54.01 -19.76 1.64
CA ALA A 1 53.33 -19.68 0.32
C ALA A 1 51.88 -20.19 0.42
N GLU A 2 51.71 -21.49 0.23
CA GLU A 2 50.39 -22.12 0.28
C GLU A 2 49.71 -21.84 1.62
N PRO A 3 48.37 -21.90 1.65
CA PRO A 3 47.61 -21.65 2.89
C PRO A 3 48.29 -22.33 4.07
N ARG A 4 48.87 -21.51 4.95
CA ARG A 4 49.59 -22.02 6.12
C ARG A 4 48.70 -22.10 7.37
N LEU A 5 48.20 -23.29 7.68
CA LEU A 5 47.33 -23.48 8.82
C LEU A 5 47.95 -23.23 10.19
N PRO A 6 47.47 -22.19 10.90
CA PRO A 6 47.90 -21.80 12.26
C PRO A 6 47.07 -22.40 13.39
N LEU A 7 47.72 -22.66 14.52
CA LEU A 7 47.05 -23.19 15.73
C LEU A 7 47.28 -22.09 16.78
N MET A 8 46.20 -21.54 17.33
CA MET A 8 46.30 -20.44 18.29
C MET A 8 45.40 -20.56 19.51
N TYR A 9 45.93 -20.15 20.65
CA TYR A 9 45.23 -20.15 21.93
C TYR A 9 44.97 -18.68 22.34
N HIS A 10 43.76 -18.39 22.81
CA HIS A 10 43.35 -17.05 23.26
C HIS A 10 43.10 -17.09 24.80
N LEU A 11 43.96 -16.43 25.58
CA LEU A 11 43.86 -16.43 27.04
C LEU A 11 43.49 -15.08 27.68
N ALA A 12 42.77 -15.10 28.80
CA ALA A 12 42.34 -13.88 29.50
C ALA A 12 42.06 -14.06 31.00
N ALA A 13 42.18 -12.98 31.77
CA ALA A 13 41.89 -12.98 33.21
C ALA A 13 41.48 -11.55 33.65
N VAL A 14 40.60 -11.45 34.64
CA VAL A 14 40.08 -10.15 35.09
C VAL A 14 39.98 -10.03 36.61
N SER A 15 39.90 -8.81 37.14
CA SER A 15 39.71 -8.60 38.58
C SER A 15 38.24 -8.34 38.95
N ASP A 16 37.53 -7.61 38.10
CA ASP A 16 36.12 -7.28 38.36
C ASP A 16 35.17 -8.43 37.99
N LEU A 17 34.61 -9.07 39.01
CA LEU A 17 33.68 -10.15 38.76
C LEU A 17 32.22 -9.76 39.05
N SER A 18 31.90 -8.47 38.98
CA SER A 18 30.53 -8.04 39.25
C SER A 18 29.48 -8.42 38.19
N THR A 19 29.90 -8.90 37.01
CA THR A 19 28.95 -9.30 35.98
C THR A 19 28.92 -10.81 35.78
N GLY A 20 29.51 -11.55 36.73
CA GLY A 20 29.52 -13.00 36.65
C GLY A 20 30.56 -13.72 35.78
N LEU A 21 31.62 -13.04 35.32
CA LEU A 21 32.65 -13.69 34.50
C LEU A 21 33.58 -14.55 35.37
N PRO A 22 34.15 -15.63 34.81
CA PRO A 22 35.07 -16.42 35.65
C PRO A 22 36.36 -15.60 35.70
N SER A 23 37.26 -15.86 36.66
CA SER A 23 38.54 -15.13 36.77
C SER A 23 39.52 -15.40 35.64
N PHE A 24 39.41 -16.59 35.03
CA PHE A 24 40.32 -16.96 33.92
C PHE A 24 39.63 -17.92 32.93
N TRP A 25 39.87 -17.75 31.62
CA TRP A 25 39.25 -18.65 30.61
C TRP A 25 40.01 -18.60 29.30
N ALA A 26 39.81 -19.59 28.42
CA ALA A 26 40.49 -19.63 27.12
C ALA A 26 39.79 -20.45 26.04
N THR A 27 40.10 -20.14 24.78
CA THR A 27 39.55 -20.92 23.65
C THR A 27 40.73 -21.23 22.73
N GLY A 28 40.60 -22.29 21.92
CA GLY A 28 41.67 -22.64 20.99
C GLY A 28 41.14 -22.84 19.60
N TRP A 29 41.92 -22.43 18.60
CA TRP A 29 41.49 -22.48 17.20
C TRP A 29 42.48 -23.08 16.16
N LEU A 30 41.94 -23.79 15.18
CA LEU A 30 42.73 -24.34 14.07
C LEU A 30 42.23 -23.54 12.85
N GLY A 31 42.95 -22.48 12.48
CA GLY A 31 42.46 -21.64 11.39
C GLY A 31 41.25 -20.89 11.96
N ALA A 32 40.15 -20.82 11.21
CA ALA A 32 38.91 -20.12 11.65
C ALA A 32 37.85 -20.89 12.46
N GLN A 33 38.09 -22.16 12.82
CA GLN A 33 37.11 -22.91 13.62
C GLN A 33 37.60 -23.17 15.05
N GLN A 34 36.69 -23.13 16.02
CA GLN A 34 37.07 -23.39 17.40
C GLN A 34 37.10 -24.92 17.67
N TYR A 35 38.18 -25.45 18.25
CA TYR A 35 38.21 -26.89 18.56
C TYR A 35 38.27 -27.16 20.05
N LEU A 36 38.54 -26.10 20.84
CA LEU A 36 38.70 -26.22 22.31
C LEU A 36 38.06 -25.11 23.19
N THR A 37 37.61 -25.48 24.38
CA THR A 37 37.06 -24.52 25.34
C THR A 37 37.51 -24.85 26.78
N TYR A 38 37.71 -23.82 27.60
CA TYR A 38 38.15 -23.99 29.00
C TYR A 38 37.92 -22.75 29.86
N ASN A 39 37.43 -22.92 31.11
CA ASN A 39 37.26 -21.79 32.07
C ASN A 39 37.40 -22.27 33.53
N ASN A 40 38.00 -21.43 34.40
CA ASN A 40 38.29 -21.77 35.80
C ASN A 40 37.16 -22.24 36.70
N LEU A 41 35.92 -22.02 36.28
CA LEU A 41 34.79 -22.48 37.09
C LEU A 41 34.44 -23.93 36.75
N ARG A 42 35.29 -24.63 35.99
CA ARG A 42 35.03 -26.01 35.60
C ARG A 42 36.28 -26.92 35.55
N GLN A 43 37.46 -26.32 35.50
CA GLN A 43 38.71 -27.09 35.49
C GLN A 43 38.93 -28.12 34.38
N GLU A 44 38.22 -28.08 33.27
CA GLU A 44 38.53 -29.07 32.24
C GLU A 44 38.48 -28.53 30.84
N ALA A 45 39.38 -28.98 29.97
CA ALA A 45 39.39 -28.52 28.58
C ALA A 45 38.52 -29.51 27.75
N ASP A 46 37.55 -29.00 27.01
CA ASP A 46 36.67 -29.86 26.20
C ASP A 46 36.72 -29.55 24.71
N PRO A 47 36.43 -30.56 23.88
CA PRO A 47 36.41 -30.40 22.42
C PRO A 47 35.10 -29.67 22.03
N CYS A 48 35.07 -29.04 20.86
CA CYS A 48 33.86 -28.31 20.41
C CYS A 48 33.35 -28.82 19.07
N GLY A 49 32.04 -28.85 18.90
CA GLY A 49 31.47 -29.28 17.63
C GLY A 49 31.89 -30.64 17.08
N ALA A 50 32.29 -30.66 15.82
CA ALA A 50 32.67 -31.90 15.18
C ALA A 50 33.89 -32.60 15.78
N TRP A 51 34.72 -31.82 16.48
CA TRP A 51 35.94 -32.37 17.09
C TRP A 51 35.58 -33.35 18.19
N ILE A 52 34.31 -33.35 18.60
CA ILE A 52 33.87 -34.31 19.60
C ILE A 52 34.01 -35.76 19.05
N TRP A 53 34.00 -35.90 17.72
CA TRP A 53 34.10 -37.20 17.07
C TRP A 53 35.46 -37.59 16.47
N GLU A 54 36.50 -36.77 16.69
CA GLU A 54 37.84 -37.04 16.14
C GLU A 54 38.50 -38.21 16.87
N ASN A 55 39.19 -39.07 16.14
CA ASN A 55 39.87 -40.22 16.74
C ASN A 55 41.24 -39.76 17.26
N GLN A 56 41.41 -39.67 18.56
CA GLN A 56 42.68 -39.20 19.15
C GLN A 56 43.41 -40.21 20.05
N VAL A 57 44.70 -39.98 20.30
CA VAL A 57 45.49 -40.82 21.19
C VAL A 57 44.77 -40.63 22.51
N SER A 58 44.71 -41.65 23.35
CA SER A 58 43.97 -41.56 24.62
C SER A 58 44.36 -40.51 25.68
N TRP A 59 45.60 -40.00 25.63
CA TRP A 59 45.93 -39.00 26.64
C TRP A 59 45.71 -37.52 26.13
N TYR A 60 45.37 -37.35 24.85
CA TYR A 60 45.21 -36.01 24.23
C TYR A 60 44.55 -34.88 25.01
N TRP A 61 43.29 -35.06 25.40
CA TRP A 61 42.54 -34.03 26.12
C TRP A 61 42.99 -33.79 27.56
N GLU A 62 43.66 -34.79 28.13
CA GLU A 62 44.15 -34.65 29.50
C GLU A 62 45.39 -33.74 29.47
N LYS A 63 46.21 -33.89 28.45
CA LYS A 63 47.40 -33.05 28.35
C LYS A 63 47.06 -31.58 28.03
N GLU A 64 45.96 -31.34 27.27
CA GLU A 64 45.55 -29.95 26.97
C GLU A 64 45.14 -29.30 28.29
N THR A 65 44.37 -30.03 29.10
CA THR A 65 43.93 -29.49 30.37
C THR A 65 45.10 -29.10 31.28
N THR A 66 46.13 -29.96 31.38
CA THR A 66 47.26 -29.64 32.27
C THR A 66 48.12 -28.48 31.81
N ASP A 67 48.41 -28.39 30.50
CA ASP A 67 49.20 -27.26 30.02
C ASP A 67 48.40 -25.95 30.30
N LEU A 68 47.07 -25.99 30.17
CA LEU A 68 46.25 -24.78 30.44
C LEU A 68 46.11 -24.42 31.91
N LYS A 69 46.05 -25.42 32.81
CA LYS A 69 45.96 -25.11 34.23
C LYS A 69 47.24 -24.38 34.69
N SER A 70 48.34 -24.65 34.01
CA SER A 70 49.64 -24.02 34.29
C SER A 70 49.56 -22.55 33.97
N LYS A 71 49.08 -22.25 32.77
CA LYS A 71 48.93 -20.86 32.33
C LYS A 71 47.96 -20.08 33.20
N GLU A 72 46.92 -20.75 33.69
CA GLU A 72 45.96 -20.06 34.55
C GLU A 72 46.62 -19.52 35.82
N GLN A 73 47.52 -20.31 36.42
CA GLN A 73 48.17 -19.86 37.65
C GLN A 73 49.08 -18.66 37.42
N LEU A 74 49.85 -18.67 36.33
CA LEU A 74 50.73 -17.54 36.03
C LEU A 74 49.90 -16.24 35.86
N PHE A 75 48.81 -16.31 35.10
CA PHE A 75 47.94 -15.16 34.85
C PHE A 75 47.27 -14.59 36.12
N LEU A 76 46.60 -15.44 36.89
CA LEU A 76 45.93 -14.96 38.09
C LEU A 76 46.90 -14.31 39.12
N GLU A 77 48.12 -14.84 39.23
CA GLU A 77 49.10 -14.28 40.16
C GLU A 77 49.57 -12.92 39.68
N ALA A 78 49.74 -12.77 38.37
CA ALA A 78 50.16 -11.50 37.79
C ALA A 78 49.16 -10.39 38.10
N ILE A 79 47.86 -10.73 38.13
CA ILE A 79 46.81 -9.76 38.45
C ILE A 79 46.91 -9.28 39.91
N ARG A 80 47.02 -10.22 40.85
CA ARG A 80 47.11 -9.87 42.27
C ARG A 80 48.32 -8.99 42.58
N THR A 81 49.43 -9.21 41.86
CA THR A 81 50.63 -8.41 42.09
C THR A 81 50.34 -6.96 41.74
N LEU A 82 49.85 -6.73 40.53
CA LEU A 82 49.52 -5.38 40.08
C LEU A 82 48.52 -4.70 41.01
N GLU A 83 47.54 -5.46 41.50
CA GLU A 83 46.52 -4.94 42.39
C GLU A 83 47.09 -4.51 43.73
N ASN A 84 48.37 -4.76 43.95
CA ASN A 84 49.00 -4.39 45.21
C ASN A 84 49.88 -3.17 45.13
N GLN A 85 50.51 -2.98 43.98
CA GLN A 85 51.40 -1.85 43.76
C GLN A 85 50.77 -0.70 42.99
N ILE A 86 49.58 -0.93 42.43
CA ILE A 86 48.85 0.07 41.67
C ILE A 86 47.35 0.09 42.00
N ASN A 87 46.71 1.24 41.79
CA ASN A 87 45.28 1.37 42.06
C ASN A 87 44.49 1.09 40.80
N GLY A 88 43.34 0.44 40.95
CA GLY A 88 42.51 0.15 39.78
C GLY A 88 42.23 -1.32 39.53
N THR A 89 41.54 -1.58 38.42
CA THR A 89 41.18 -2.93 38.03
C THR A 89 41.94 -3.29 36.75
N PHE A 90 42.09 -4.57 36.48
CA PHE A 90 42.85 -4.96 35.29
C PHE A 90 42.25 -6.12 34.48
N THR A 91 42.75 -6.23 33.25
CA THR A 91 42.38 -7.25 32.27
C THR A 91 43.69 -7.64 31.56
N LEU A 92 44.07 -8.92 31.65
CA LEU A 92 45.31 -9.45 31.05
C LEU A 92 45.01 -10.44 29.95
N GLN A 93 45.65 -10.26 28.80
CA GLN A 93 45.39 -11.16 27.68
C GLN A 93 46.65 -11.70 27.04
N GLY A 94 46.54 -12.89 26.44
CA GLY A 94 47.68 -13.51 25.77
C GLY A 94 47.31 -14.22 24.46
N LEU A 95 48.24 -14.22 23.50
CA LEU A 95 48.04 -14.87 22.21
C LEU A 95 49.26 -15.75 21.88
N LEU A 96 49.14 -17.07 22.09
CA LEU A 96 50.25 -18.06 21.87
C LEU A 96 50.00 -19.16 20.81
N GLY A 97 51.01 -19.49 20.00
CA GLY A 97 50.80 -20.54 19.00
C GLY A 97 51.90 -20.78 18.01
N CYS A 98 51.63 -21.44 16.88
CA CYS A 98 52.66 -21.68 15.89
C CYS A 98 52.20 -22.10 14.50
N GLU A 99 53.17 -22.26 13.59
CA GLU A 99 52.94 -22.70 12.22
C GLU A 99 54.06 -23.71 11.83
N LEU A 100 53.83 -24.60 10.87
CA LEU A 100 54.86 -25.56 10.48
C LEU A 100 55.83 -25.13 9.36
N ALA A 101 57.12 -25.35 9.56
CA ALA A 101 58.15 -25.02 8.57
C ALA A 101 58.24 -26.19 7.59
N PRO A 102 58.94 -26.01 6.46
CA PRO A 102 59.08 -27.09 5.45
C PRO A 102 59.59 -28.43 5.98
N ASP A 103 60.45 -28.37 6.99
CA ASP A 103 60.99 -29.58 7.58
C ASP A 103 60.14 -30.06 8.75
N ASN A 104 58.91 -29.57 8.86
CA ASN A 104 57.99 -29.94 9.93
C ASN A 104 58.34 -29.40 11.32
N SER A 105 59.25 -28.44 11.35
CA SER A 105 59.70 -27.75 12.58
C SER A 105 58.77 -26.54 12.88
N SER A 106 58.90 -25.94 14.06
CA SER A 106 58.04 -24.82 14.48
C SER A 106 58.40 -23.35 14.19
N LEU A 107 57.38 -22.53 13.90
CA LEU A 107 57.52 -21.07 13.67
C LEU A 107 56.51 -20.47 14.68
N PRO A 108 56.99 -20.10 15.89
CA PRO A 108 56.25 -19.55 17.02
C PRO A 108 55.72 -18.12 17.06
N THR A 109 54.78 -17.89 17.98
CA THR A 109 54.12 -16.62 18.24
C THR A 109 53.80 -16.52 19.73
N ALA A 110 54.14 -15.40 20.36
CA ALA A 110 53.87 -15.18 21.77
C ALA A 110 53.85 -13.69 22.20
N VAL A 111 52.65 -13.10 22.30
CA VAL A 111 52.45 -11.69 22.71
C VAL A 111 51.39 -11.45 23.80
N PHE A 112 51.61 -10.42 24.62
CA PHE A 112 50.71 -10.11 25.75
C PHE A 112 50.23 -8.65 25.78
N ALA A 113 49.07 -8.44 26.43
CA ALA A 113 48.47 -7.11 26.56
C ALA A 113 47.77 -6.89 27.88
N LEU A 114 47.84 -5.64 28.37
CA LEU A 114 47.24 -5.22 29.63
C LEU A 114 46.23 -4.07 29.42
N ASN A 115 45.02 -4.23 29.93
CA ASN A 115 43.97 -3.24 29.76
C ASN A 115 43.79 -2.74 28.31
N GLY A 116 43.95 -3.64 27.33
CA GLY A 116 43.77 -3.27 25.94
C GLY A 116 44.98 -2.93 25.07
N GLU A 117 46.19 -2.89 25.61
CA GLU A 117 47.37 -2.56 24.77
C GLU A 117 48.52 -3.55 24.97
N GLU A 118 49.28 -3.81 23.91
CA GLU A 118 50.44 -4.71 23.99
C GLU A 118 51.47 -4.12 24.94
N PHE A 119 52.02 -4.94 25.83
CA PHE A 119 53.03 -4.50 26.79
C PHE A 119 54.13 -5.52 27.06
N MET A 120 54.18 -6.61 26.29
CA MET A 120 55.20 -7.64 26.52
C MET A 120 55.28 -8.69 25.40
N ARG A 121 56.46 -9.33 25.30
CA ARG A 121 56.69 -10.40 24.31
C ARG A 121 57.58 -11.48 24.94
N PHE A 122 57.59 -12.68 24.34
CA PHE A 122 58.41 -13.80 24.84
C PHE A 122 59.12 -14.52 23.69
N ASN A 123 60.42 -14.76 23.85
CA ASN A 123 61.24 -15.45 22.85
C ASN A 123 61.55 -16.86 23.36
N PRO A 124 60.96 -17.89 22.72
CA PRO A 124 61.20 -19.27 23.17
C PRO A 124 62.63 -19.81 22.95
N ARG A 125 63.31 -19.34 21.91
CA ARG A 125 64.66 -19.80 21.64
C ARG A 125 65.69 -19.27 22.65
N THR A 126 65.33 -18.27 23.43
CA THR A 126 66.26 -17.74 24.41
C THR A 126 65.66 -17.74 25.82
N GLY A 127 64.34 -17.96 25.90
CA GLY A 127 63.69 -18.00 27.20
C GLY A 127 63.43 -16.67 27.90
N ASN A 128 63.48 -15.56 27.17
CA ASN A 128 63.24 -14.27 27.82
C ASN A 128 62.03 -13.42 27.41
N TRP A 129 61.50 -12.71 28.40
CA TRP A 129 60.37 -11.80 28.25
C TRP A 129 60.88 -10.35 28.12
N SER A 130 60.30 -9.57 27.22
CA SER A 130 60.71 -8.18 27.02
C SER A 130 59.54 -7.20 26.99
N GLY A 131 59.84 -5.92 26.79
CA GLY A 131 58.81 -4.89 26.76
C GLY A 131 59.31 -3.59 27.38
N GLU A 132 58.60 -2.49 27.17
CA GLU A 132 59.08 -1.23 27.74
C GLU A 132 58.06 -0.45 28.52
N TRP A 133 57.63 -0.98 29.67
CA TRP A 133 56.67 -0.28 30.49
C TRP A 133 56.88 -0.70 31.93
N PRO A 134 56.55 0.19 32.87
CA PRO A 134 56.71 -0.16 34.28
C PRO A 134 56.08 -1.51 34.62
N GLU A 135 54.93 -1.81 34.03
CA GLU A 135 54.24 -3.09 34.31
C GLU A 135 54.99 -4.27 33.73
N THR A 136 55.64 -4.08 32.57
CA THR A 136 56.43 -5.14 31.96
C THR A 136 57.35 -5.69 33.04
N ASP A 137 58.00 -4.80 33.77
CA ASP A 137 58.92 -5.21 34.82
C ASP A 137 58.22 -5.93 35.98
N ILE A 138 57.09 -5.39 36.43
CA ILE A 138 56.35 -6.02 37.53
C ILE A 138 55.98 -7.47 37.23
N VAL A 139 55.49 -7.72 36.02
CA VAL A 139 55.07 -9.06 35.63
C VAL A 139 56.23 -9.98 35.25
N GLY A 140 57.07 -9.53 34.32
CA GLY A 140 58.23 -10.32 33.89
C GLY A 140 59.07 -10.79 35.08
N ASN A 141 59.24 -9.92 36.07
CA ASN A 141 60.00 -10.25 37.27
C ASN A 141 59.30 -11.36 38.04
N LEU A 142 57.99 -11.23 38.19
CA LEU A 142 57.24 -12.24 38.90
C LEU A 142 57.44 -13.59 38.22
N TRP A 143 57.27 -13.63 36.89
CA TRP A 143 57.39 -14.88 36.17
C TRP A 143 58.79 -15.45 36.11
N MET A 144 59.78 -14.68 36.55
CA MET A 144 61.14 -15.20 36.54
C MET A 144 61.57 -15.75 37.90
N LYS A 145 60.65 -15.74 38.85
CA LYS A 145 60.93 -16.24 40.19
C LYS A 145 61.17 -17.75 40.19
N GLN A 146 60.79 -18.43 39.11
CA GLN A 146 60.99 -19.88 39.00
C GLN A 146 61.36 -20.26 37.57
N PRO A 147 62.61 -20.75 37.37
CA PRO A 147 63.23 -21.20 36.11
C PRO A 147 62.45 -22.22 35.28
N GLU A 148 61.62 -23.04 35.95
CA GLU A 148 60.82 -24.01 35.22
C GLU A 148 59.85 -23.27 34.28
N ALA A 149 59.24 -22.20 34.76
CA ALA A 149 58.31 -21.39 33.96
C ALA A 149 58.83 -21.14 32.55
N ALA A 150 59.98 -20.47 32.45
CA ALA A 150 60.54 -20.19 31.13
C ALA A 150 60.74 -21.45 30.28
N ARG A 151 61.23 -22.53 30.90
CA ARG A 151 61.48 -23.77 30.17
C ARG A 151 60.19 -24.41 29.66
N LYS A 152 59.15 -24.45 30.50
CA LYS A 152 57.86 -25.04 30.10
C LYS A 152 57.19 -24.23 28.97
N GLU A 153 57.27 -22.91 29.06
CA GLU A 153 56.69 -22.07 28.04
C GLU A 153 57.43 -22.30 26.73
N SER A 154 58.73 -22.54 26.82
CA SER A 154 59.51 -22.78 25.61
C SER A 154 59.14 -24.12 24.93
N GLU A 155 58.86 -25.14 25.73
CA GLU A 155 58.52 -26.47 25.22
C GLU A 155 57.13 -26.47 24.59
N PHE A 156 56.17 -25.84 25.28
CA PHE A 156 54.79 -25.70 24.79
C PHE A 156 54.83 -25.20 23.33
N LEU A 157 55.62 -24.16 23.07
CA LEU A 157 55.73 -23.59 21.71
C LEU A 157 56.58 -24.30 20.65
N LEU A 158 57.75 -24.82 21.02
CA LEU A 158 58.67 -25.46 20.09
C LEU A 158 58.56 -26.97 19.92
N THR A 159 57.91 -27.63 20.89
CA THR A 159 57.72 -29.07 20.75
C THR A 159 56.23 -29.48 20.64
N SER A 160 55.42 -29.17 21.64
CA SER A 160 54.00 -29.51 21.66
C SER A 160 53.17 -29.00 20.46
N CYS A 161 53.18 -27.69 20.24
CA CYS A 161 52.45 -27.06 19.15
C CYS A 161 52.58 -27.77 17.80
N PRO A 162 53.81 -27.86 17.25
CA PRO A 162 53.97 -28.54 15.96
C PRO A 162 53.48 -29.98 16.01
N GLU A 163 53.65 -30.63 17.16
CA GLU A 163 53.17 -31.99 17.33
C GLU A 163 51.63 -32.08 17.18
N ARG A 164 50.88 -31.31 17.98
CA ARG A 164 49.40 -31.33 17.88
C ARG A 164 48.95 -30.91 16.47
N LEU A 165 49.58 -29.90 15.89
CA LEU A 165 49.20 -29.46 14.55
C LEU A 165 49.34 -30.59 13.47
N LEU A 166 50.48 -31.26 13.44
CA LEU A 166 50.71 -32.36 12.49
C LEU A 166 49.70 -33.50 12.78
N GLY A 167 49.34 -33.68 14.05
CA GLY A 167 48.38 -34.70 14.41
C GLY A 167 46.95 -34.44 13.92
N HIS A 168 46.49 -33.19 13.97
CA HIS A 168 45.14 -32.86 13.53
C HIS A 168 45.09 -32.90 12.00
N LEU A 169 46.19 -32.51 11.37
CA LEU A 169 46.31 -32.51 9.93
C LEU A 169 46.10 -33.95 9.48
N GLU A 170 46.35 -34.89 10.38
CA GLU A 170 46.21 -36.31 10.06
C GLU A 170 44.87 -36.94 10.43
N ARG A 171 44.47 -36.80 11.68
CA ARG A 171 43.22 -37.38 12.16
C ARG A 171 41.94 -36.58 11.85
N GLY A 172 42.10 -35.29 11.60
CA GLY A 172 40.94 -34.48 11.33
C GLY A 172 40.98 -33.88 9.95
N ARG A 173 41.60 -34.57 9.01
CA ARG A 173 41.72 -34.11 7.64
C ARG A 173 40.36 -33.68 7.10
N GLN A 174 39.32 -34.50 7.32
CA GLN A 174 37.96 -34.20 6.87
C GLN A 174 37.42 -32.85 7.35
N ASN A 175 37.56 -32.54 8.65
CA ASN A 175 37.06 -31.25 9.17
C ASN A 175 37.85 -30.07 8.60
N LEU A 176 39.17 -30.25 8.50
CA LEU A 176 40.07 -29.22 8.00
C LEU A 176 39.92 -28.93 6.52
N GLU A 177 39.33 -29.84 5.76
CA GLU A 177 39.15 -29.59 4.32
C GLU A 177 37.77 -29.00 3.96
N TRP A 178 36.99 -28.64 4.99
CA TRP A 178 35.62 -28.07 4.89
C TRP A 178 35.52 -26.87 3.92
N LYS A 179 34.76 -27.04 2.85
CA LYS A 179 34.57 -25.99 1.85
C LYS A 179 33.09 -25.98 1.48
N GLU A 180 32.30 -25.20 2.21
CA GLU A 180 30.87 -25.13 1.96
C GLU A 180 30.44 -23.71 1.51
N PRO A 181 29.82 -23.60 0.32
CA PRO A 181 29.36 -22.30 -0.22
C PRO A 181 28.12 -21.75 0.54
N PRO A 182 27.86 -20.43 0.44
CA PRO A 182 26.72 -19.76 1.10
C PRO A 182 25.36 -19.92 0.42
N SER A 183 24.25 -19.86 1.17
CA SER A 183 22.91 -19.85 0.54
C SER A 183 22.71 -18.32 0.39
N MET A 184 22.15 -17.85 -0.73
CA MET A 184 21.99 -16.42 -0.96
C MET A 184 20.57 -15.84 -1.11
N ARG A 185 20.42 -14.57 -0.69
CA ARG A 185 19.16 -13.81 -0.87
C ARG A 185 19.47 -12.32 -1.12
N LEU A 186 18.68 -11.68 -1.98
CA LEU A 186 18.83 -10.25 -2.28
C LEU A 186 17.43 -9.58 -2.15
N LYS A 187 17.32 -8.56 -1.29
CA LYS A 187 16.04 -7.87 -1.09
C LYS A 187 16.10 -6.36 -1.01
N ALA A 188 14.99 -5.71 -1.38
CA ALA A 188 14.86 -4.23 -1.37
C ALA A 188 13.86 -3.72 -0.33
N ARG A 189 14.15 -2.58 0.32
CA ARG A 189 13.26 -1.97 1.34
C ARG A 189 13.39 -0.42 1.26
N PRO A 190 12.42 0.33 1.81
CA PRO A 190 12.41 1.80 1.81
C PRO A 190 13.62 2.39 2.47
N GLY A 191 14.18 3.46 1.91
CA GLY A 191 15.36 4.08 2.50
C GLY A 191 15.09 5.53 2.94
N ASN A 192 16.04 6.42 2.72
CA ASN A 192 15.84 7.83 3.03
C ASN A 192 14.96 8.42 1.91
N SER A 193 14.68 9.73 1.95
CA SER A 193 13.84 10.38 0.93
C SER A 193 14.28 10.08 -0.51
N GLY A 194 13.36 9.49 -1.28
CA GLY A 194 13.66 9.15 -2.66
C GLY A 194 14.64 7.98 -2.91
N SER A 195 14.89 7.13 -1.92
CA SER A 195 15.85 6.04 -2.05
C SER A 195 15.40 4.70 -1.49
N SER A 196 16.08 3.65 -1.92
CA SER A 196 15.79 2.30 -1.46
C SER A 196 17.14 1.72 -1.00
N VAL A 197 17.11 0.84 -0.02
CA VAL A 197 18.34 0.18 0.41
C VAL A 197 18.31 -1.28 -0.09
N LEU A 198 19.38 -1.74 -0.73
CA LEU A 198 19.45 -3.16 -1.19
C LEU A 198 20.40 -3.91 -0.27
N THR A 199 19.94 -5.06 0.19
CA THR A 199 20.74 -5.91 1.06
C THR A 199 21.08 -7.27 0.44
N CYS A 200 22.37 -7.54 0.27
CA CYS A 200 22.80 -8.86 -0.21
C CYS A 200 23.21 -9.67 1.02
N ALA A 201 22.48 -10.76 1.31
CA ALA A 201 22.76 -11.60 2.47
C ALA A 201 23.27 -13.04 2.12
N ALA A 202 24.34 -13.50 2.78
CA ALA A 202 24.93 -14.87 2.58
C ALA A 202 24.78 -15.73 3.87
N PHE A 203 24.11 -16.88 3.79
CA PHE A 203 23.87 -17.74 4.95
C PHE A 203 24.65 -19.09 5.01
N SER A 204 25.22 -19.41 6.18
CA SER A 204 25.90 -20.69 6.43
C SER A 204 27.04 -21.12 5.51
N PHE A 205 28.13 -20.35 5.50
CA PHE A 205 29.28 -20.71 4.68
C PHE A 205 30.57 -20.93 5.50
N TYR A 206 31.57 -21.59 4.90
CA TYR A 206 32.91 -21.84 5.52
C TYR A 206 33.98 -22.22 4.48
N PRO A 207 35.19 -21.63 4.57
CA PRO A 207 35.76 -20.65 5.51
C PRO A 207 35.12 -19.24 5.43
N PRO A 208 35.52 -18.32 6.35
CA PRO A 208 34.94 -16.96 6.34
C PRO A 208 35.33 -16.01 5.19
N GLU A 209 36.46 -16.26 4.52
CA GLU A 209 36.86 -15.38 3.40
C GLU A 209 35.79 -15.40 2.31
N LEU A 210 35.24 -14.23 1.99
CA LEU A 210 34.19 -14.13 0.98
C LEU A 210 34.27 -12.76 0.31
N LYS A 211 33.81 -12.64 -0.92
CA LYS A 211 33.86 -11.36 -1.59
C LYS A 211 32.51 -11.01 -2.24
N PHE A 212 31.98 -9.82 -1.94
CA PHE A 212 30.71 -9.32 -2.51
C PHE A 212 31.02 -8.31 -3.63
N ARG A 213 30.18 -8.31 -4.64
CA ARG A 213 30.29 -7.34 -5.73
C ARG A 213 28.92 -7.14 -6.36
N PHE A 214 28.41 -5.92 -6.24
CA PHE A 214 27.12 -5.55 -6.82
C PHE A 214 27.33 -5.28 -8.30
N LEU A 215 26.30 -5.58 -9.11
CA LEU A 215 26.35 -5.32 -10.54
C LEU A 215 25.14 -4.48 -10.94
N ARG A 216 25.33 -3.62 -11.94
CA ARG A 216 24.28 -2.78 -12.52
C ARG A 216 24.30 -3.07 -14.02
N ASN A 217 23.20 -3.60 -14.57
CA ASN A 217 23.13 -3.99 -15.99
C ASN A 217 24.29 -4.94 -16.39
N GLY A 218 24.81 -5.72 -15.45
CA GLY A 218 25.93 -6.61 -15.75
C GLY A 218 27.33 -6.05 -15.45
N LEU A 219 27.47 -4.76 -15.17
CA LEU A 219 28.82 -4.22 -14.88
C LEU A 219 29.09 -3.98 -13.38
N ALA A 220 30.36 -4.10 -13.00
CA ALA A 220 30.77 -3.85 -11.61
C ALA A 220 30.27 -2.48 -11.17
N SER A 221 29.79 -2.37 -9.93
CA SER A 221 29.25 -1.09 -9.46
C SER A 221 29.47 -0.79 -7.97
N GLY A 222 30.46 -1.43 -7.36
CA GLY A 222 30.72 -1.20 -5.95
C GLY A 222 30.55 -2.46 -5.10
N SER A 223 31.11 -2.41 -3.91
CA SER A 223 31.05 -3.53 -2.97
C SER A 223 30.06 -3.29 -1.81
N GLY A 224 29.69 -2.04 -1.56
CA GLY A 224 28.73 -1.70 -0.49
C GLY A 224 29.33 -1.71 0.91
N ASN A 225 28.50 -1.46 1.94
CA ASN A 225 28.95 -1.48 3.35
C ASN A 225 28.79 -2.92 3.84
N CYS A 226 29.88 -3.65 4.05
CA CYS A 226 29.71 -5.05 4.48
C CYS A 226 30.27 -5.47 5.83
N SER A 227 29.72 -6.58 6.35
CA SER A 227 30.13 -7.13 7.63
C SER A 227 29.86 -8.60 7.70
N THR A 228 30.48 -9.24 8.69
CA THR A 228 30.27 -10.65 8.90
C THR A 228 30.23 -11.01 10.39
N GLY A 229 29.58 -12.12 10.72
CA GLY A 229 29.48 -12.57 12.10
C GLY A 229 29.27 -14.09 12.19
N PRO A 230 29.48 -14.68 13.37
CA PRO A 230 29.32 -16.13 13.59
C PRO A 230 27.82 -16.49 13.45
N ASN A 231 27.50 -17.70 12.96
CA ASN A 231 26.08 -18.09 12.75
C ASN A 231 25.46 -19.01 13.79
N GLY A 232 26.21 -19.37 14.83
CA GLY A 232 25.70 -20.26 15.88
C GLY A 232 26.18 -21.72 15.83
N ASP A 233 26.44 -22.23 14.63
CA ASP A 233 26.88 -23.62 14.44
C ASP A 233 28.29 -23.81 13.81
N GLY A 234 29.17 -22.82 13.94
CA GLY A 234 30.49 -22.95 13.36
C GLY A 234 30.56 -22.27 11.99
N SER A 235 29.45 -22.25 11.24
CA SER A 235 29.45 -21.55 9.93
C SER A 235 29.36 -20.01 10.13
N PHE A 236 29.43 -19.26 9.02
CA PHE A 236 29.37 -17.81 9.11
C PHE A 236 28.16 -17.21 8.33
N HIS A 237 27.87 -15.95 8.62
CA HIS A 237 26.77 -15.17 8.01
C HIS A 237 27.31 -13.77 7.63
N ALA A 238 26.99 -13.29 6.44
CA ALA A 238 27.45 -11.94 6.10
C ALA A 238 26.38 -11.17 5.28
N TRP A 239 26.55 -9.84 5.18
CA TRP A 239 25.62 -8.98 4.47
C TRP A 239 26.29 -7.73 3.97
N SER A 240 25.75 -7.16 2.91
CA SER A 240 26.30 -5.91 2.37
C SER A 240 25.10 -5.02 1.93
N LEU A 241 25.14 -3.71 2.28
CA LEU A 241 24.09 -2.75 1.92
C LEU A 241 24.56 -1.70 0.88
N LEU A 242 23.70 -1.39 -0.08
CA LEU A 242 23.98 -0.37 -1.08
C LEU A 242 22.72 0.52 -1.23
N GLU A 243 22.92 1.83 -1.26
CA GLU A 243 21.80 2.74 -1.41
C GLU A 243 21.61 3.02 -2.91
N VAL A 244 20.38 2.88 -3.41
CA VAL A 244 20.10 3.18 -4.82
C VAL A 244 18.81 4.06 -4.96
N LYS A 245 18.57 4.58 -6.17
CA LYS A 245 17.41 5.41 -6.45
C LYS A 245 16.09 4.62 -6.43
N ARG A 246 15.07 5.17 -5.76
CA ARG A 246 13.78 4.48 -5.67
C ARG A 246 13.26 4.27 -7.07
N GLY A 247 12.78 3.06 -7.35
CA GLY A 247 12.27 2.72 -8.68
C GLY A 247 13.24 2.01 -9.64
N ASP A 248 14.56 2.12 -9.42
CA ASP A 248 15.59 1.47 -10.27
C ASP A 248 16.18 0.16 -9.70
N GLU A 249 15.54 -0.38 -8.65
CA GLU A 249 15.98 -1.59 -7.99
C GLU A 249 16.26 -2.78 -8.96
N HIS A 250 15.31 -3.07 -9.85
CA HIS A 250 15.41 -4.15 -10.85
C HIS A 250 16.65 -4.15 -11.75
N HIS A 251 17.37 -3.03 -11.87
CA HIS A 251 18.59 -2.98 -12.71
C HIS A 251 19.79 -3.69 -12.06
N TYR A 252 19.72 -3.87 -10.73
CA TYR A 252 20.82 -4.43 -9.90
C TYR A 252 20.82 -5.93 -9.54
N GLN A 253 22.01 -6.49 -9.41
CA GLN A 253 22.22 -7.90 -9.01
C GLN A 253 23.42 -7.94 -8.06
N CYS A 254 23.57 -9.10 -7.41
CA CYS A 254 24.65 -9.37 -6.48
C CYS A 254 25.47 -10.61 -6.98
N GLN A 255 26.79 -10.53 -6.88
CA GLN A 255 27.70 -11.62 -7.26
C GLN A 255 28.74 -11.91 -6.16
N VAL A 256 28.90 -13.18 -5.80
CA VAL A 256 29.87 -13.53 -4.75
C VAL A 256 30.93 -14.57 -5.19
N GLU A 257 32.09 -14.50 -4.54
CA GLU A 257 33.20 -15.42 -4.80
C GLU A 257 33.55 -16.14 -3.50
N HIS A 258 33.64 -17.47 -3.57
CA HIS A 258 33.97 -18.24 -2.40
C HIS A 258 34.61 -19.57 -2.80
N GLU A 259 35.51 -20.06 -1.96
CA GLU A 259 36.23 -21.32 -2.21
C GLU A 259 35.35 -22.53 -2.53
N GLY A 260 34.12 -22.54 -2.03
CA GLY A 260 33.24 -23.67 -2.25
C GLY A 260 32.42 -23.61 -3.52
N LEU A 261 32.68 -22.60 -4.34
CA LEU A 261 31.95 -22.43 -5.58
C LEU A 261 32.90 -22.67 -6.76
N ALA A 262 32.50 -23.47 -7.75
CA ALA A 262 33.34 -23.71 -8.94
C ALA A 262 33.69 -22.38 -9.59
N GLN A 263 32.77 -21.41 -9.51
CA GLN A 263 32.96 -20.04 -10.05
C GLN A 263 31.95 -19.04 -9.49
N PRO A 264 32.17 -17.73 -9.68
CA PRO A 264 31.24 -16.70 -9.16
C PRO A 264 29.76 -17.03 -9.37
N LEU A 265 28.95 -16.76 -8.34
CA LEU A 265 27.51 -17.00 -8.39
C LEU A 265 26.79 -15.65 -8.40
N THR A 266 25.88 -15.48 -9.36
CA THR A 266 25.11 -14.23 -9.50
C THR A 266 23.71 -14.44 -8.93
N VAL A 267 23.22 -13.47 -8.13
CA VAL A 267 21.87 -13.49 -7.47
C VAL A 267 20.89 -12.33 -7.85
N ASP A 268 19.61 -12.68 -7.98
CA ASP A 268 18.51 -11.78 -8.33
C ASP A 268 17.50 -11.45 -7.22
N LEU A 269 16.79 -10.33 -7.40
CA LEU A 269 15.74 -9.87 -6.51
C LEU A 269 14.53 -10.79 -6.70
N ILE B 1 41.90 1.94 28.33
CA ILE B 1 41.07 2.40 27.19
C ILE B 1 39.72 1.70 27.23
N GLN B 2 38.67 2.38 26.81
CA GLN B 2 37.34 1.77 26.79
C GLN B 2 36.84 1.76 25.37
N LYS B 3 35.96 0.83 25.05
CA LYS B 3 35.38 0.72 23.70
C LYS B 3 33.94 0.27 23.78
N THR B 4 33.05 1.06 23.18
CA THR B 4 31.61 0.80 23.19
C THR B 4 31.25 -0.37 22.28
N PRO B 5 30.29 -1.19 22.69
CA PRO B 5 29.92 -2.34 21.83
C PRO B 5 29.13 -2.05 20.58
N GLN B 6 29.47 -2.77 19.51
CA GLN B 6 28.75 -2.72 18.26
C GLN B 6 27.68 -3.85 18.48
N ILE B 7 26.45 -3.69 18.02
CA ILE B 7 25.36 -4.69 18.25
C ILE B 7 24.62 -5.04 16.95
N GLN B 8 24.59 -6.33 16.58
CA GLN B 8 23.93 -6.76 15.34
C GLN B 8 22.98 -7.94 15.51
N VAL B 9 21.77 -7.82 14.96
CA VAL B 9 20.69 -8.82 15.07
C VAL B 9 20.30 -9.44 13.71
N TYR B 10 20.22 -10.78 13.65
CA TYR B 10 19.87 -11.50 12.41
C TYR B 10 19.48 -12.97 12.67
N SER B 11 18.88 -13.62 11.67
CA SER B 11 18.46 -15.00 11.81
C SER B 11 19.41 -15.99 11.08
N ARG B 12 19.40 -17.27 11.49
CA ARG B 12 20.31 -18.27 10.89
C ARG B 12 19.93 -18.72 9.47
N HIS B 13 18.64 -18.96 9.23
CA HIS B 13 18.19 -19.32 7.89
C HIS B 13 17.32 -18.16 7.36
N PRO B 14 17.07 -18.11 6.04
CA PRO B 14 16.23 -17.05 5.43
C PRO B 14 14.89 -17.14 6.18
N PRO B 15 14.41 -16.02 6.78
CA PRO B 15 13.15 -16.00 7.55
C PRO B 15 11.83 -16.15 6.78
N GLU B 16 10.86 -16.83 7.40
CA GLU B 16 9.52 -17.08 6.86
C GLU B 16 8.45 -17.25 8.00
N ASN B 17 7.39 -16.43 8.00
CA ASN B 17 6.32 -16.49 9.01
C ASN B 17 5.76 -17.89 9.21
N GLY B 18 5.60 -18.30 10.47
CA GLY B 18 5.06 -19.62 10.74
C GLY B 18 6.07 -20.77 10.60
N LYS B 19 7.34 -20.44 10.33
CA LYS B 19 8.40 -21.45 10.18
C LYS B 19 9.51 -21.40 11.23
N PRO B 20 9.77 -22.53 11.92
CA PRO B 20 10.82 -22.58 12.95
C PRO B 20 12.18 -22.10 12.44
N ASN B 21 12.94 -21.37 13.26
CA ASN B 21 14.24 -20.82 12.87
C ASN B 21 15.10 -20.54 14.14
N PHE B 22 16.12 -19.69 14.04
CA PHE B 22 16.94 -19.31 15.20
C PHE B 22 17.33 -17.81 15.13
N LEU B 23 17.20 -17.06 16.25
CA LEU B 23 17.51 -15.63 16.33
C LEU B 23 18.90 -15.34 16.98
N ASN B 24 19.76 -14.58 16.29
CA ASN B 24 21.12 -14.22 16.77
C ASN B 24 21.32 -12.71 17.10
N CYS B 25 22.00 -12.41 18.20
CA CYS B 25 22.37 -11.04 18.54
C CYS B 25 23.92 -11.10 18.73
N TYR B 26 24.69 -10.51 17.80
CA TYR B 26 26.17 -10.52 17.81
C TYR B 26 26.70 -9.18 18.36
N VAL B 27 27.35 -9.24 19.53
CA VAL B 27 27.89 -8.07 20.24
C VAL B 27 29.43 -8.10 20.17
N SER B 28 30.03 -7.06 19.57
CA SER B 28 31.49 -7.06 19.37
C SER B 28 32.27 -5.74 19.61
N GLN B 29 33.59 -5.81 19.43
CA GLN B 29 34.49 -4.68 19.57
C GLN B 29 34.49 -3.88 20.90
N PHE B 30 34.16 -4.53 22.02
CA PHE B 30 34.11 -3.82 23.30
C PHE B 30 35.28 -4.10 24.28
N HIS B 31 35.34 -3.28 25.33
CA HIS B 31 36.37 -3.34 26.37
C HIS B 31 36.01 -2.28 27.42
N PRO B 32 35.93 -2.67 28.71
CA PRO B 32 36.14 -4.00 29.33
C PRO B 32 35.13 -5.09 29.00
N PRO B 33 35.48 -6.36 29.31
CA PRO B 33 34.62 -7.54 29.07
C PRO B 33 33.34 -7.68 29.90
N GLN B 34 33.19 -6.87 30.96
CA GLN B 34 31.97 -6.97 31.78
C GLN B 34 30.77 -6.42 30.97
N ILE B 35 29.68 -7.20 30.83
CA ILE B 35 28.53 -6.80 30.02
C ILE B 35 27.25 -7.59 30.32
N GLU B 36 26.08 -7.02 29.99
CA GLU B 36 24.77 -7.69 30.19
C GLU B 36 23.98 -7.66 28.87
N ILE B 37 23.36 -8.79 28.51
CA ILE B 37 22.65 -8.94 27.25
C ILE B 37 21.38 -9.76 27.37
N GLU B 38 20.28 -9.28 26.78
CA GLU B 38 19.03 -10.04 26.78
C GLU B 38 18.22 -9.89 25.50
N LEU B 39 17.50 -10.94 25.16
CA LEU B 39 16.66 -11.02 23.98
C LEU B 39 15.21 -10.70 24.40
N LEU B 40 14.51 -9.87 23.62
CA LEU B 40 13.14 -9.49 23.94
C LEU B 40 12.06 -9.85 22.89
N LYS B 41 10.88 -10.19 23.40
CA LYS B 41 9.71 -10.49 22.57
C LYS B 41 8.58 -9.54 23.00
N ASN B 42 8.22 -8.58 22.16
CA ASN B 42 7.19 -7.59 22.51
C ASN B 42 7.50 -6.88 23.86
N GLY B 43 8.72 -6.39 24.02
CA GLY B 43 9.07 -5.68 25.25
C GLY B 43 9.33 -6.52 26.49
N LYS B 44 9.08 -7.82 26.44
CA LYS B 44 9.32 -8.67 27.61
C LYS B 44 10.44 -9.70 27.47
N LYS B 45 11.37 -9.69 28.42
CA LYS B 45 12.50 -10.62 28.40
C LYS B 45 12.04 -12.05 28.09
N ILE B 46 12.81 -12.75 27.25
CA ILE B 46 12.56 -14.13 26.86
C ILE B 46 13.46 -14.99 27.77
N PRO B 47 12.90 -16.02 28.43
CA PRO B 47 13.65 -16.91 29.32
C PRO B 47 14.43 -18.05 28.67
N ASN B 48 15.51 -18.44 29.33
CA ASN B 48 16.39 -19.54 28.89
C ASN B 48 17.11 -19.43 27.52
N ILE B 49 17.78 -18.31 27.23
CA ILE B 49 18.51 -18.21 25.96
C ILE B 49 19.92 -18.81 26.10
N GLU B 50 20.64 -18.96 24.97
CA GLU B 50 22.00 -19.50 24.95
C GLU B 50 23.06 -18.41 24.66
N MET B 51 24.33 -18.68 25.02
CA MET B 51 25.46 -17.76 24.82
C MET B 51 26.79 -18.46 24.45
N SER B 52 27.47 -17.95 23.43
CA SER B 52 28.74 -18.54 23.01
C SER B 52 29.83 -18.20 24.02
N ASP B 53 31.03 -18.74 23.83
CA ASP B 53 32.16 -18.41 24.72
C ASP B 53 32.56 -16.97 24.41
N LEU B 54 33.03 -16.25 25.40
CA LEU B 54 33.48 -14.89 25.19
C LEU B 54 34.91 -14.97 24.58
N SER B 55 35.11 -14.44 23.39
CA SER B 55 36.42 -14.48 22.75
C SER B 55 36.94 -13.10 22.37
N PHE B 56 38.02 -13.04 21.57
CA PHE B 56 38.61 -11.76 21.16
C PHE B 56 39.50 -11.78 19.91
N SER B 57 39.70 -10.64 19.26
CA SER B 57 40.52 -10.61 18.05
C SER B 57 41.94 -10.02 18.12
N LYS B 58 42.57 -10.00 16.96
CA LYS B 58 43.90 -9.47 16.79
C LYS B 58 44.17 -8.13 17.48
N ASP B 59 43.18 -7.24 17.60
CA ASP B 59 43.37 -5.91 18.23
C ASP B 59 42.99 -5.87 19.70
N TRP B 60 42.77 -7.05 20.28
CA TRP B 60 42.38 -7.19 21.67
C TRP B 60 40.91 -6.90 22.09
N SER B 61 40.07 -6.38 21.20
CA SER B 61 38.69 -6.09 21.64
C SER B 61 37.87 -7.38 21.73
N PHE B 62 36.90 -7.45 22.63
CA PHE B 62 36.08 -8.65 22.81
C PHE B 62 34.83 -8.89 21.90
N TYR B 63 34.33 -10.14 21.83
CA TYR B 63 33.11 -10.47 21.07
C TYR B 63 32.39 -11.70 21.59
N ILE B 64 31.07 -11.76 21.36
CA ILE B 64 30.23 -12.87 21.83
C ILE B 64 28.85 -12.92 21.09
N LEU B 65 28.20 -14.10 21.08
CA LEU B 65 26.90 -14.30 20.40
C LEU B 65 25.80 -14.87 21.30
N ALA B 66 24.65 -14.20 21.31
CA ALA B 66 23.49 -14.64 22.08
C ALA B 66 22.41 -15.15 21.10
N HIS B 67 21.79 -16.28 21.39
CA HIS B 67 20.84 -16.85 20.45
C HIS B 67 19.79 -17.78 21.04
N THR B 68 18.67 -17.95 20.33
CA THR B 68 17.60 -18.83 20.78
C THR B 68 16.69 -19.27 19.64
N GLU B 69 15.93 -20.33 19.86
CA GLU B 69 15.01 -20.83 18.88
C GLU B 69 13.80 -19.93 18.87
N PHE B 70 13.20 -19.72 17.70
CA PHE B 70 11.98 -18.91 17.60
C PHE B 70 11.23 -19.13 16.28
N THR B 71 9.96 -18.73 16.22
CA THR B 71 9.14 -18.86 15.02
C THR B 71 8.53 -17.50 14.71
N PRO B 72 9.08 -16.76 13.76
CA PRO B 72 8.54 -15.44 13.42
C PRO B 72 7.07 -15.44 12.97
N THR B 73 6.39 -14.31 13.23
CA THR B 73 4.99 -14.08 12.81
C THR B 73 4.89 -12.63 12.39
N GLU B 74 3.79 -12.27 11.72
CA GLU B 74 3.61 -10.90 11.26
C GLU B 74 3.63 -9.84 12.35
N THR B 75 2.92 -10.06 13.45
CA THR B 75 2.85 -9.07 14.53
C THR B 75 3.82 -9.01 15.72
N ASP B 76 4.55 -10.08 16.02
CA ASP B 76 5.48 -10.05 17.16
C ASP B 76 6.77 -9.28 16.84
N VAL B 77 7.25 -8.47 17.78
CA VAL B 77 8.48 -7.69 17.57
C VAL B 77 9.64 -8.24 18.44
N TYR B 78 10.78 -8.56 17.81
CA TYR B 78 11.94 -9.10 18.53
C TYR B 78 13.05 -8.05 18.60
N ALA B 79 13.81 -8.06 19.70
CA ALA B 79 14.88 -7.08 19.92
C ALA B 79 15.98 -7.61 20.84
N CYS B 80 17.10 -6.87 20.96
CA CYS B 80 18.24 -7.25 21.81
C CYS B 80 18.58 -6.02 22.70
N ARG B 81 18.82 -6.22 24.00
CA ARG B 81 19.10 -5.08 24.90
C ARG B 81 20.39 -5.27 25.72
N VAL B 82 21.30 -4.29 25.67
CA VAL B 82 22.58 -4.38 26.38
C VAL B 82 22.98 -3.23 27.32
N LYS B 83 23.66 -3.59 28.41
CA LYS B 83 24.15 -2.63 29.42
C LYS B 83 25.68 -2.75 29.50
N HIS B 84 26.36 -1.60 29.54
CA HIS B 84 27.82 -1.54 29.61
C HIS B 84 28.30 -0.18 30.17
N VAL B 85 29.49 -0.12 30.77
CA VAL B 85 30.02 1.14 31.34
C VAL B 85 30.05 2.33 30.41
N THR B 86 30.30 2.07 29.12
CA THR B 86 30.35 3.13 28.13
C THR B 86 28.98 3.65 27.70
N LEU B 87 27.89 3.07 28.23
CA LEU B 87 26.52 3.45 27.85
C LEU B 87 25.76 4.18 28.96
N LYS B 88 25.29 5.39 28.67
CA LYS B 88 24.54 6.18 29.66
C LYS B 88 23.19 5.59 30.04
N GLU B 89 22.62 4.73 29.19
CA GLU B 89 21.34 4.06 29.47
C GLU B 89 21.36 2.78 28.66
N PRO B 90 20.53 1.80 29.02
CA PRO B 90 20.47 0.54 28.29
C PRO B 90 20.20 0.81 26.81
N LYS B 91 20.81 0.03 25.92
CA LYS B 91 20.61 0.23 24.49
C LYS B 91 19.82 -0.93 23.90
N THR B 92 18.64 -0.64 23.35
CA THR B 92 17.78 -1.67 22.75
C THR B 92 17.78 -1.50 21.22
N VAL B 93 17.98 -2.61 20.51
CA VAL B 93 18.05 -2.68 19.05
C VAL B 93 17.11 -3.77 18.51
N THR B 94 16.21 -3.33 17.64
CA THR B 94 15.19 -4.14 17.00
C THR B 94 15.65 -5.03 15.81
N TRP B 95 15.15 -6.25 15.72
CA TRP B 95 15.55 -7.12 14.58
C TRP B 95 15.05 -6.60 13.21
N ASP B 96 15.95 -6.54 12.22
CA ASP B 96 15.61 -6.13 10.84
C ASP B 96 15.63 -7.42 9.95
N ARG B 97 14.44 -7.92 9.61
CA ARG B 97 14.25 -9.13 8.80
C ARG B 97 15.04 -9.26 7.49
N ASP B 98 15.68 -8.19 7.02
CA ASP B 98 16.44 -8.26 5.77
C ASP B 98 17.94 -8.60 5.93
N MET B 99 18.42 -8.55 7.17
CA MET B 99 19.83 -8.82 7.48
C MET B 99 20.34 -10.25 7.30
N ALA C 1 -3.58 40.71 3.46
CA ALA C 1 -3.27 40.25 4.84
C ALA C 1 -3.96 38.91 5.15
N GLU C 2 -5.19 39.01 5.68
CA GLU C 2 -5.96 37.81 6.03
C GLU C 2 -6.03 36.87 4.82
N PRO C 3 -6.20 35.55 5.07
CA PRO C 3 -6.28 34.58 3.98
C PRO C 3 -7.08 35.10 2.78
N ARG C 4 -6.41 35.25 1.63
CA ARG C 4 -7.03 35.75 0.42
C ARG C 4 -7.37 34.65 -0.60
N LEU C 5 -8.53 34.03 -0.43
CA LEU C 5 -9.01 32.95 -1.31
C LEU C 5 -8.96 33.26 -2.81
N PRO C 6 -8.21 32.49 -3.60
CA PRO C 6 -8.09 32.68 -5.05
C PRO C 6 -8.98 31.80 -5.90
N LEU C 7 -9.31 32.29 -7.11
CA LEU C 7 -10.09 31.55 -8.10
C LEU C 7 -9.08 31.35 -9.25
N MET C 8 -8.82 30.10 -9.64
CA MET C 8 -7.84 29.83 -10.71
C MET C 8 -8.27 28.75 -11.74
N TYR C 9 -7.91 28.99 -12.99
CA TYR C 9 -8.21 28.08 -14.10
C TYR C 9 -6.87 27.56 -14.67
N HIS C 10 -6.81 26.25 -14.88
CA HIS C 10 -5.64 25.56 -15.43
C HIS C 10 -5.98 25.06 -16.82
N LEU C 11 -5.28 25.57 -17.85
CA LEU C 11 -5.52 25.21 -19.25
C LEU C 11 -4.36 24.47 -20.00
N ALA C 12 -4.72 23.55 -20.91
CA ALA C 12 -3.70 22.81 -21.63
C ALA C 12 -4.12 22.22 -22.99
N ALA C 13 -3.19 22.20 -23.95
CA ALA C 13 -3.45 21.58 -25.27
C ALA C 13 -2.20 20.78 -25.75
N VAL C 14 -2.38 19.67 -26.46
CA VAL C 14 -1.27 18.82 -26.96
C VAL C 14 -1.44 18.32 -28.42
N SER C 15 -0.33 18.13 -29.12
CA SER C 15 -0.41 17.62 -30.49
C SER C 15 -0.35 16.08 -30.57
N ASP C 16 0.39 15.43 -29.66
CA ASP C 16 0.50 13.95 -29.63
C ASP C 16 -0.63 13.28 -28.83
N LEU C 17 -1.53 12.62 -29.55
CA LEU C 17 -2.71 11.94 -28.97
C LEU C 17 -2.56 10.42 -28.85
N SER C 18 -1.33 9.92 -28.92
CA SER C 18 -1.11 8.48 -28.85
C SER C 18 -1.37 7.83 -27.49
N THR C 19 -1.77 8.62 -26.48
CA THR C 19 -2.10 8.04 -25.17
C THR C 19 -3.53 8.33 -24.76
N GLY C 20 -4.38 8.71 -25.72
CA GLY C 20 -5.79 8.98 -25.40
C GLY C 20 -6.15 10.29 -24.68
N LEU C 21 -5.32 11.33 -24.77
CA LEU C 21 -5.63 12.62 -24.13
C LEU C 21 -6.53 13.45 -25.04
N PRO C 22 -7.38 14.32 -24.47
CA PRO C 22 -8.22 15.13 -25.39
C PRO C 22 -7.28 16.19 -25.94
N SER C 23 -7.63 16.82 -27.06
CA SER C 23 -6.75 17.85 -27.64
C SER C 23 -6.66 19.09 -26.72
N PHE C 24 -7.73 19.34 -25.96
CA PHE C 24 -7.76 20.48 -25.02
C PHE C 24 -8.63 20.16 -23.77
N TRP C 25 -8.21 20.58 -22.57
CA TRP C 25 -9.01 20.35 -21.35
C TRP C 25 -8.74 21.42 -20.28
N ALA C 26 -9.60 21.54 -19.26
CA ALA C 26 -9.40 22.58 -18.23
C ALA C 26 -10.05 22.18 -16.91
N THR C 27 -9.47 22.66 -15.79
CA THR C 27 -10.02 22.44 -14.45
C THR C 27 -10.08 23.81 -13.73
N GLY C 28 -11.03 23.98 -12.81
CA GLY C 28 -11.17 25.27 -12.11
C GLY C 28 -11.13 25.06 -10.62
N TRP C 29 -10.45 25.95 -9.88
CA TRP C 29 -10.27 25.79 -8.41
C TRP C 29 -10.60 26.99 -7.52
N LEU C 30 -11.15 26.73 -6.33
CA LEU C 30 -11.44 27.79 -5.37
C LEU C 30 -10.50 27.45 -4.19
N GLY C 31 -9.39 28.20 -4.06
CA GLY C 31 -8.42 27.86 -3.04
C GLY C 31 -7.88 26.47 -3.44
N ALA C 32 -7.90 25.49 -2.53
CA ALA C 32 -7.40 24.14 -2.81
C ALA C 32 -8.44 23.12 -3.34
N GLN C 33 -9.72 23.51 -3.46
CA GLN C 33 -10.76 22.58 -3.96
C GLN C 33 -11.12 22.81 -5.43
N GLN C 34 -11.25 21.72 -6.18
CA GLN C 34 -11.64 21.79 -7.57
C GLN C 34 -13.17 21.99 -7.60
N TYR C 35 -13.70 22.99 -8.31
CA TYR C 35 -15.17 23.12 -8.36
C TYR C 35 -15.72 22.89 -9.77
N LEU C 36 -14.82 22.86 -10.78
CA LEU C 36 -15.18 22.76 -12.20
C LEU C 36 -14.33 21.88 -13.15
N THR C 37 -15.01 21.16 -14.06
CA THR C 37 -14.29 20.37 -15.06
C THR C 37 -14.81 20.58 -16.51
N TYR C 38 -13.92 20.44 -17.52
CA TYR C 38 -14.26 20.64 -18.95
C TYR C 38 -13.23 20.03 -19.97
N ASN C 39 -13.71 19.48 -21.08
CA ASN C 39 -12.81 18.97 -22.13
C ASN C 39 -13.44 19.14 -23.54
N ASN C 40 -12.62 19.12 -24.58
CA ASN C 40 -13.18 19.33 -25.91
C ASN C 40 -14.03 18.16 -26.41
N LEU C 41 -13.93 16.98 -25.78
CA LEU C 41 -14.72 15.85 -26.24
C LEU C 41 -16.16 15.88 -25.76
N ARG C 42 -16.49 16.76 -24.82
CA ARG C 42 -17.87 16.85 -24.31
C ARG C 42 -18.46 18.27 -24.38
N GLN C 43 -17.60 19.27 -24.52
CA GLN C 43 -18.02 20.68 -24.64
C GLN C 43 -18.98 21.21 -23.59
N GLU C 44 -18.77 20.87 -22.34
CA GLU C 44 -19.68 21.34 -21.32
C GLU C 44 -18.94 21.51 -20.00
N ALA C 45 -19.33 22.51 -19.21
CA ALA C 45 -18.66 22.75 -17.93
C ALA C 45 -19.53 22.17 -16.84
N ASP C 46 -19.00 21.24 -16.02
CA ASP C 46 -19.82 20.69 -14.96
C ASP C 46 -19.22 20.94 -13.60
N PRO C 47 -20.09 20.99 -12.58
CA PRO C 47 -19.63 21.22 -11.21
C PRO C 47 -19.01 19.89 -10.71
N CYS C 48 -18.11 19.98 -9.74
CA CYS C 48 -17.43 18.84 -9.13
C CYS C 48 -17.92 18.66 -7.68
N GLY C 49 -17.95 17.41 -7.23
CA GLY C 49 -18.35 17.12 -5.85
C GLY C 49 -19.54 17.77 -5.17
N ALA C 50 -19.29 18.49 -4.08
CA ALA C 50 -20.35 19.12 -3.28
C ALA C 50 -20.95 20.35 -3.91
N TRP C 51 -20.21 20.95 -4.83
CA TRP C 51 -20.67 22.14 -5.51
C TRP C 51 -21.91 21.82 -6.34
N ILE C 52 -22.20 20.54 -6.51
CA ILE C 52 -23.39 20.09 -7.25
C ILE C 52 -24.68 20.58 -6.54
N TRP C 53 -24.57 20.87 -5.24
CA TRP C 53 -25.71 21.32 -4.41
C TRP C 53 -25.77 22.82 -4.10
N GLU C 54 -24.81 23.59 -4.60
CA GLU C 54 -24.78 25.04 -4.37
C GLU C 54 -26.01 25.70 -5.03
N ASN C 55 -26.65 26.63 -4.33
CA ASN C 55 -27.80 27.34 -4.89
C ASN C 55 -27.25 28.47 -5.76
N GLN C 56 -27.45 28.40 -7.08
CA GLN C 56 -26.94 29.40 -8.02
C GLN C 56 -28.03 30.05 -8.89
N VAL C 57 -27.74 31.22 -9.44
CA VAL C 57 -28.64 31.93 -10.36
C VAL C 57 -28.81 30.93 -11.50
N SER C 58 -29.91 31.00 -12.23
CA SER C 58 -30.15 30.01 -13.29
C SER C 58 -29.26 29.97 -14.52
N TRP C 59 -28.49 31.04 -14.79
CA TRP C 59 -27.60 31.05 -15.95
C TRP C 59 -26.11 30.76 -15.58
N TYR C 60 -25.81 30.55 -14.30
CA TYR C 60 -24.40 30.33 -13.89
C TYR C 60 -23.56 29.33 -14.70
N TRP C 61 -23.99 28.07 -14.77
CA TRP C 61 -23.22 27.06 -15.51
C TRP C 61 -23.19 27.27 -17.01
N GLU C 62 -24.23 27.91 -17.53
CA GLU C 62 -24.24 28.13 -18.98
C GLU C 62 -23.23 29.20 -19.40
N LYS C 63 -22.96 30.17 -18.53
CA LYS C 63 -21.98 31.20 -18.86
C LYS C 63 -20.51 30.69 -18.66
N GLU C 64 -20.29 29.76 -17.73
CA GLU C 64 -18.94 29.18 -17.56
C GLU C 64 -18.60 28.39 -18.85
N THR C 65 -19.60 27.64 -19.37
CA THR C 65 -19.39 26.82 -20.59
C THR C 65 -19.01 27.66 -21.80
N THR C 66 -19.68 28.80 -21.99
CA THR C 66 -19.40 29.67 -23.14
C THR C 66 -18.03 30.36 -23.07
N ASP C 67 -17.62 30.80 -21.88
CA ASP C 67 -16.26 31.40 -21.75
C ASP C 67 -15.17 30.35 -22.03
N LEU C 68 -15.38 29.11 -21.59
CA LEU C 68 -14.39 28.05 -21.84
C LEU C 68 -14.34 27.57 -23.31
N LYS C 69 -15.47 27.60 -24.00
CA LYS C 69 -15.48 27.23 -25.44
C LYS C 69 -14.59 28.24 -26.19
N SER C 70 -14.63 29.50 -25.76
CA SER C 70 -13.80 30.53 -26.37
C SER C 70 -12.31 30.20 -26.29
N LYS C 71 -11.85 29.95 -25.06
CA LYS C 71 -10.43 29.64 -24.82
C LYS C 71 -9.96 28.42 -25.59
N GLU C 72 -10.85 27.43 -25.75
CA GLU C 72 -10.50 26.20 -26.46
C GLU C 72 -10.01 26.50 -27.88
N GLN C 73 -10.77 27.36 -28.57
CA GLN C 73 -10.46 27.74 -29.96
C GLN C 73 -9.08 28.42 -30.09
N LEU C 74 -8.77 29.35 -29.20
CA LEU C 74 -7.49 30.07 -29.23
C LEU C 74 -6.27 29.13 -29.04
N PHE C 75 -6.37 28.15 -28.14
CA PHE C 75 -5.27 27.21 -27.86
C PHE C 75 -5.07 26.19 -29.00
N LEU C 76 -6.17 25.64 -29.52
CA LEU C 76 -6.03 24.64 -30.59
C LEU C 76 -5.42 25.26 -31.86
N GLU C 77 -5.81 26.49 -32.19
CA GLU C 77 -5.27 27.15 -33.39
C GLU C 77 -3.77 27.41 -33.19
N ALA C 78 -3.38 27.84 -31.99
CA ALA C 78 -1.97 28.12 -31.71
C ALA C 78 -1.07 26.89 -31.95
N ILE C 79 -1.58 25.70 -31.64
CA ILE C 79 -0.80 24.48 -31.83
C ILE C 79 -0.53 24.16 -33.31
N ARG C 80 -1.56 24.27 -34.16
CA ARG C 80 -1.40 23.99 -35.61
C ARG C 80 -0.45 24.98 -36.27
N THR C 81 -0.46 26.23 -35.82
CA THR C 81 0.45 27.22 -36.40
C THR C 81 1.90 26.81 -36.12
N LEU C 82 2.20 26.50 -34.86
CA LEU C 82 3.55 26.09 -34.48
C LEU C 82 4.02 24.86 -35.27
N GLU C 83 3.09 23.94 -35.49
CA GLU C 83 3.35 22.70 -36.24
C GLU C 83 3.68 22.95 -37.71
N ASN C 84 3.38 24.15 -38.19
CA ASN C 84 3.59 24.54 -39.58
C ASN C 84 4.90 25.23 -39.88
N GLN C 85 5.46 25.90 -38.88
CA GLN C 85 6.71 26.64 -39.04
C GLN C 85 7.90 26.01 -38.32
N ILE C 86 7.62 25.04 -37.45
CA ILE C 86 8.66 24.36 -36.68
C ILE C 86 8.41 22.86 -36.68
N ASN C 87 9.46 22.08 -36.42
CA ASN C 87 9.31 20.62 -36.41
C ASN C 87 9.20 20.08 -35.00
N GLY C 88 8.35 19.09 -34.81
CA GLY C 88 8.20 18.52 -33.49
C GLY C 88 6.79 18.46 -32.99
N THR C 89 6.63 18.19 -31.70
CA THR C 89 5.32 18.13 -31.13
C THR C 89 5.32 19.19 -30.04
N PHE C 90 4.14 19.60 -29.63
CA PHE C 90 4.07 20.62 -28.61
C PHE C 90 3.01 20.39 -27.54
N THR C 91 3.24 21.09 -26.43
CA THR C 91 2.40 21.14 -25.25
C THR C 91 2.30 22.64 -24.89
N LEU C 92 1.09 23.21 -24.96
CA LEU C 92 0.81 24.63 -24.61
C LEU C 92 0.02 24.71 -23.29
N GLN C 93 0.48 25.52 -22.33
CA GLN C 93 -0.21 25.64 -21.05
C GLN C 93 -0.53 27.07 -20.66
N GLY C 94 -1.58 27.25 -19.86
CA GLY C 94 -1.94 28.57 -19.36
C GLY C 94 -2.46 28.57 -17.93
N LEU C 95 -2.19 29.65 -17.18
CA LEU C 95 -2.64 29.84 -15.78
C LEU C 95 -3.33 31.22 -15.66
N LEU C 96 -4.67 31.23 -15.45
CA LEU C 96 -5.51 32.44 -15.39
C LEU C 96 -6.46 32.49 -14.19
N GLY C 97 -6.51 33.62 -13.47
CA GLY C 97 -7.38 33.69 -12.30
C GLY C 97 -7.27 34.98 -11.52
N CYS C 98 -7.82 35.07 -10.29
CA CYS C 98 -7.75 36.32 -9.53
C CYS C 98 -7.97 36.20 -8.03
N GLU C 99 -7.77 37.30 -7.29
CA GLU C 99 -7.97 37.39 -5.82
C GLU C 99 -8.70 38.72 -5.56
N LEU C 100 -9.41 38.85 -4.42
CA LEU C 100 -10.12 40.11 -4.12
C LEU C 100 -9.32 41.11 -3.26
N ALA C 101 -9.28 42.37 -3.66
CA ALA C 101 -8.62 43.41 -2.87
C ALA C 101 -9.65 43.83 -1.80
N PRO C 102 -9.22 44.59 -0.78
CA PRO C 102 -10.12 45.05 0.29
C PRO C 102 -11.40 45.78 -0.18
N ASP C 103 -11.37 46.47 -1.31
CA ASP C 103 -12.59 47.13 -1.80
C ASP C 103 -13.45 46.21 -2.70
N ASN C 104 -13.07 44.94 -2.80
CA ASN C 104 -13.74 43.89 -3.61
C ASN C 104 -13.33 43.91 -5.09
N SER C 105 -12.39 44.78 -5.42
CA SER C 105 -11.80 44.92 -6.75
C SER C 105 -10.88 43.68 -7.03
N SER C 106 -10.45 43.48 -8.28
CA SER C 106 -9.59 42.34 -8.70
C SER C 106 -8.05 42.55 -8.74
N LEU C 107 -7.32 41.47 -8.36
CA LEU C 107 -5.84 41.34 -8.39
C LEU C 107 -5.62 40.09 -9.29
N PRO C 108 -5.43 40.27 -10.61
CA PRO C 108 -5.24 39.21 -11.62
C PRO C 108 -3.91 38.48 -11.87
N THR C 109 -4.02 37.32 -12.55
CA THR C 109 -2.89 36.47 -12.95
C THR C 109 -3.10 35.89 -14.35
N ALA C 110 -2.08 35.98 -15.21
CA ALA C 110 -2.16 35.42 -16.57
C ALA C 110 -0.78 35.13 -17.22
N VAL C 111 -0.36 33.86 -17.18
CA VAL C 111 0.93 33.40 -17.72
C VAL C 111 0.82 32.11 -18.58
N PHE C 112 1.73 31.98 -19.55
CA PHE C 112 1.75 30.84 -20.49
C PHE C 112 3.12 30.16 -20.69
N ALA C 113 3.09 28.87 -21.08
CA ALA C 113 4.32 28.12 -21.31
C ALA C 113 4.29 27.14 -22.50
N LEU C 114 5.48 26.92 -23.09
CA LEU C 114 5.61 26.02 -24.22
C LEU C 114 6.69 24.94 -23.99
N ASN C 115 6.28 23.69 -24.11
CA ASN C 115 7.16 22.55 -23.88
C ASN C 115 7.93 22.62 -22.53
N GLY C 116 7.23 23.03 -21.48
CA GLY C 116 7.80 23.09 -20.16
C GLY C 116 8.40 24.38 -19.65
N GLU C 117 8.41 25.46 -20.44
CA GLU C 117 9.01 26.70 -19.95
C GLU C 117 8.24 27.96 -20.27
N GLU C 118 8.27 28.92 -19.35
CA GLU C 118 7.56 30.17 -19.54
C GLU C 118 8.06 30.86 -20.78
N PHE C 119 7.14 31.38 -21.59
CA PHE C 119 7.51 32.04 -22.82
C PHE C 119 6.60 33.20 -23.19
N MET C 120 5.60 33.52 -22.33
CA MET C 120 4.64 34.61 -22.61
C MET C 120 3.76 35.04 -21.40
N ARG C 121 3.34 36.31 -21.37
CA ARG C 121 2.47 36.84 -20.30
C ARG C 121 1.39 37.77 -20.89
N PHE C 122 0.30 38.00 -20.14
CA PHE C 122 -0.77 38.89 -20.64
C PHE C 122 -1.19 39.89 -19.55
N ASN C 123 -1.05 41.19 -19.83
CA ASN C 123 -1.44 42.24 -18.89
C ASN C 123 -2.86 42.72 -19.21
N PRO C 124 -3.85 42.43 -18.33
CA PRO C 124 -5.24 42.85 -18.59
C PRO C 124 -5.56 44.34 -18.47
N ARG C 125 -4.67 45.09 -17.83
CA ARG C 125 -4.91 46.51 -17.67
C ARG C 125 -4.50 47.26 -18.91
N THR C 126 -3.70 46.61 -19.76
CA THR C 126 -3.25 47.23 -21.00
C THR C 126 -3.68 46.47 -22.24
N GLY C 127 -4.14 45.22 -22.06
CA GLY C 127 -4.56 44.39 -23.18
C GLY C 127 -3.46 43.81 -24.06
N ASN C 128 -2.23 43.72 -23.55
CA ASN C 128 -1.13 43.19 -24.36
C ASN C 128 -0.40 41.92 -23.86
N TRP C 129 0.15 41.18 -24.82
CA TRP C 129 0.91 39.96 -24.56
C TRP C 129 2.41 40.32 -24.73
N SER C 130 3.29 39.76 -23.90
CA SER C 130 4.73 40.03 -24.01
C SER C 130 5.53 38.76 -23.78
N GLY C 131 6.84 38.85 -23.99
CA GLY C 131 7.73 37.70 -23.82
C GLY C 131 8.96 37.82 -24.72
N GLU C 132 9.97 36.97 -24.53
CA GLU C 132 11.19 37.09 -25.33
C GLU C 132 11.73 35.88 -26.06
N TRP C 133 10.93 35.22 -26.88
CA TRP C 133 11.41 34.05 -27.63
C TRP C 133 10.78 34.11 -29.00
N PRO C 134 11.38 33.44 -30.01
CA PRO C 134 10.77 33.48 -31.34
C PRO C 134 9.32 32.95 -31.38
N GLU C 135 9.00 31.97 -30.54
CA GLU C 135 7.63 31.42 -30.49
C GLU C 135 6.67 32.44 -29.91
N THR C 136 7.17 33.29 -29.00
CA THR C 136 6.35 34.33 -28.41
C THR C 136 5.75 35.16 -29.53
N ASP C 137 6.55 35.39 -30.57
CA ASP C 137 6.11 36.17 -31.73
C ASP C 137 5.09 35.43 -32.61
N ILE C 138 5.28 34.13 -32.78
CA ILE C 138 4.38 33.34 -33.61
C ILE C 138 2.97 33.27 -33.01
N VAL C 139 2.87 32.90 -31.73
CA VAL C 139 1.59 32.80 -31.03
C VAL C 139 0.96 34.18 -30.75
N GLY C 140 1.72 35.12 -30.20
CA GLY C 140 1.18 36.46 -29.94
C GLY C 140 0.60 37.10 -31.20
N ASN C 141 1.32 37.02 -32.31
CA ASN C 141 0.83 37.58 -33.57
C ASN C 141 -0.48 36.96 -34.01
N LEU C 142 -0.58 35.65 -33.82
CA LEU C 142 -1.79 34.93 -34.19
C LEU C 142 -2.99 35.39 -33.35
N TRP C 143 -2.82 35.51 -32.04
CA TRP C 143 -3.94 35.91 -31.17
C TRP C 143 -4.38 37.38 -31.33
N MET C 144 -3.54 38.16 -31.97
CA MET C 144 -3.82 39.56 -32.20
C MET C 144 -4.58 39.78 -33.51
N LYS C 145 -4.84 38.70 -34.24
CA LYS C 145 -5.54 38.81 -35.51
C LYS C 145 -6.96 39.35 -35.37
N GLN C 146 -7.55 39.19 -34.19
CA GLN C 146 -8.90 39.71 -33.96
C GLN C 146 -8.90 40.42 -32.62
N PRO C 147 -8.98 41.76 -32.63
CA PRO C 147 -8.96 42.59 -31.41
C PRO C 147 -9.90 42.22 -30.28
N GLU C 148 -11.00 41.51 -30.57
CA GLU C 148 -11.94 41.15 -29.51
C GLU C 148 -11.33 40.19 -28.50
N ALA C 149 -10.40 39.36 -28.98
CA ALA C 149 -9.78 38.37 -28.10
C ALA C 149 -9.19 39.06 -26.89
N ALA C 150 -8.29 40.01 -27.12
CA ALA C 150 -7.68 40.73 -26.00
C ALA C 150 -8.75 41.35 -25.09
N ARG C 151 -9.77 41.96 -25.68
CA ARG C 151 -10.84 42.61 -24.91
C ARG C 151 -11.67 41.64 -24.06
N LYS C 152 -11.90 40.45 -24.59
CA LYS C 152 -12.68 39.47 -23.82
C LYS C 152 -11.80 38.86 -22.71
N GLU C 153 -10.52 38.69 -22.97
CA GLU C 153 -9.64 38.13 -21.94
C GLU C 153 -9.57 39.16 -20.79
N SER C 154 -9.49 40.44 -21.15
CA SER C 154 -9.45 41.48 -20.11
C SER C 154 -10.69 41.47 -19.22
N GLU C 155 -11.87 41.31 -19.82
CA GLU C 155 -13.14 41.28 -19.05
C GLU C 155 -13.24 40.04 -18.14
N PHE C 156 -12.83 38.90 -18.68
CA PHE C 156 -12.85 37.65 -17.93
C PHE C 156 -12.07 37.86 -16.61
N LEU C 157 -10.91 38.53 -16.70
CA LEU C 157 -10.07 38.72 -15.49
C LEU C 157 -10.47 39.84 -14.51
N LEU C 158 -10.91 40.99 -15.03
CA LEU C 158 -11.25 42.11 -14.17
C LEU C 158 -12.70 42.26 -13.71
N THR C 159 -13.65 41.60 -14.38
CA THR C 159 -15.09 41.68 -14.03
C THR C 159 -15.75 40.33 -13.66
N SER C 160 -15.81 39.37 -14.58
CA SER C 160 -16.40 38.06 -14.27
C SER C 160 -15.78 37.32 -13.08
N CYS C 161 -14.44 37.17 -13.09
CA CYS C 161 -13.70 36.49 -11.99
C CYS C 161 -14.11 37.01 -10.60
N PRO C 162 -13.87 38.30 -10.32
CA PRO C 162 -14.26 38.80 -8.99
C PRO C 162 -15.77 38.58 -8.66
N GLU C 163 -16.62 38.68 -9.66
CA GLU C 163 -18.06 38.48 -9.44
C GLU C 163 -18.37 37.04 -8.99
N ARG C 164 -17.85 36.08 -9.73
CA ARG C 164 -18.03 34.65 -9.40
C ARG C 164 -17.44 34.40 -8.04
N LEU C 165 -16.22 34.93 -7.76
CA LEU C 165 -15.61 34.70 -6.45
C LEU C 165 -16.49 35.24 -5.31
N LEU C 166 -17.06 36.45 -5.47
CA LEU C 166 -17.92 37.05 -4.42
C LEU C 166 -19.20 36.21 -4.21
N GLY C 167 -19.78 35.73 -5.30
CA GLY C 167 -20.95 34.88 -5.17
C GLY C 167 -20.60 33.52 -4.54
N HIS C 168 -19.40 32.98 -4.77
CA HIS C 168 -19.11 31.69 -4.12
C HIS C 168 -18.88 31.85 -2.62
N LEU C 169 -18.25 32.95 -2.21
CA LEU C 169 -18.00 33.21 -0.78
C LEU C 169 -19.36 33.23 -0.06
N GLU C 170 -20.38 33.65 -0.79
CA GLU C 170 -21.73 33.76 -0.23
C GLU C 170 -22.54 32.45 -0.22
N ARG C 171 -22.89 31.94 -1.40
CA ARG C 171 -23.66 30.70 -1.49
C ARG C 171 -22.87 29.42 -1.19
N GLY C 172 -21.54 29.49 -1.20
CA GLY C 172 -20.78 28.27 -0.97
C GLY C 172 -20.05 28.30 0.35
N ARG C 173 -20.54 29.14 1.26
CA ARG C 173 -19.95 29.32 2.57
C ARG C 173 -19.76 28.04 3.39
N GLN C 174 -20.67 27.09 3.24
CA GLN C 174 -20.58 25.86 3.98
C GLN C 174 -19.44 24.98 3.49
N ASN C 175 -19.17 25.01 2.19
CA ASN C 175 -18.10 24.23 1.59
C ASN C 175 -16.74 24.83 1.88
N LEU C 176 -16.66 26.16 1.79
CA LEU C 176 -15.42 26.88 2.03
C LEU C 176 -15.00 26.92 3.50
N GLU C 177 -15.93 26.70 4.42
CA GLU C 177 -15.61 26.72 5.85
C GLU C 177 -15.52 25.37 6.57
N TRP C 178 -15.83 24.32 5.85
CA TRP C 178 -15.77 22.96 6.39
C TRP C 178 -14.42 22.73 7.07
N LYS C 179 -14.44 21.98 8.17
CA LYS C 179 -13.22 21.65 8.90
C LYS C 179 -13.25 20.23 9.41
N GLU C 180 -12.16 19.52 9.13
CA GLU C 180 -12.01 18.13 9.57
C GLU C 180 -10.55 17.99 10.01
N PRO C 181 -10.32 17.66 11.30
CA PRO C 181 -8.95 17.49 11.80
C PRO C 181 -8.43 16.13 11.34
N PRO C 182 -7.09 15.98 11.21
CA PRO C 182 -6.38 14.76 10.79
C PRO C 182 -6.36 13.59 11.77
N SER C 183 -6.32 12.36 11.24
CA SER C 183 -6.17 11.17 12.09
C SER C 183 -4.66 10.86 12.01
N MET C 184 -3.97 10.72 13.16
CA MET C 184 -2.52 10.50 13.18
C MET C 184 -1.93 9.15 13.59
N ARG C 185 -0.78 8.84 13.02
CA ARG C 185 0.00 7.63 13.34
C ARG C 185 1.54 7.88 13.19
N LEU C 186 2.35 7.33 14.11
CA LEU C 186 3.81 7.47 14.05
C LEU C 186 4.44 6.05 14.15
N LYS C 187 5.43 5.76 13.29
CA LYS C 187 6.09 4.44 13.26
C LYS C 187 7.59 4.53 13.00
N ALA C 188 8.33 3.51 13.41
CA ALA C 188 9.80 3.43 13.19
C ALA C 188 10.21 2.20 12.34
N ARG C 189 11.31 2.32 11.59
CA ARG C 189 11.83 1.23 10.73
C ARG C 189 13.35 1.40 10.48
N PRO C 190 14.03 0.31 10.02
CA PRO C 190 15.48 0.29 9.72
C PRO C 190 15.91 1.33 8.68
N GLY C 191 17.12 1.87 8.83
CA GLY C 191 17.60 2.85 7.87
C GLY C 191 18.93 2.50 7.25
N ASN C 192 19.83 3.46 7.10
CA ASN C 192 21.16 3.18 6.56
C ASN C 192 22.01 2.63 7.74
N SER C 193 23.20 2.10 7.44
CA SER C 193 24.09 1.52 8.48
C SER C 193 24.09 2.29 9.82
N GLY C 194 23.51 1.69 10.87
CA GLY C 194 23.50 2.35 12.18
C GLY C 194 22.36 3.33 12.51
N SER C 195 21.42 3.52 11.58
CA SER C 195 20.28 4.44 11.79
C SER C 195 18.90 3.81 11.63
N SER C 196 17.90 4.55 12.14
CA SER C 196 16.49 4.19 12.05
C SER C 196 15.81 5.40 11.40
N VAL C 197 14.65 5.19 10.78
CA VAL C 197 13.89 6.30 10.19
C VAL C 197 12.52 6.34 10.85
N LEU C 198 12.10 7.54 11.31
CA LEU C 198 10.77 7.72 11.92
C LEU C 198 9.86 8.39 10.90
N THR C 199 8.62 7.91 10.78
CA THR C 199 7.63 8.46 9.84
C THR C 199 6.33 8.90 10.57
N CYS C 200 6.00 10.19 10.53
CA CYS C 200 4.75 10.72 11.15
C CYS C 200 3.78 10.96 9.97
N ALA C 201 2.65 10.28 10.00
CA ALA C 201 1.64 10.34 8.92
C ALA C 201 0.29 10.92 9.36
N ALA C 202 -0.30 11.78 8.53
CA ALA C 202 -1.61 12.39 8.86
C ALA C 202 -2.67 12.05 7.79
N PHE C 203 -3.80 11.45 8.20
CA PHE C 203 -4.86 11.02 7.27
C PHE C 203 -6.18 11.84 7.23
N SER C 204 -6.73 12.02 6.03
CA SER C 204 -8.04 12.66 5.83
C SER C 204 -8.34 13.98 6.56
N PHE C 205 -7.66 15.05 6.18
CA PHE C 205 -7.88 16.34 6.81
C PHE C 205 -8.17 17.41 5.76
N TYR C 206 -8.73 18.54 6.21
CA TYR C 206 -9.06 19.69 5.37
C TYR C 206 -9.29 20.91 6.27
N PRO C 207 -8.76 22.09 5.91
CA PRO C 207 -7.93 22.45 4.76
C PRO C 207 -6.53 21.77 4.78
N PRO C 208 -5.72 21.93 3.70
CA PRO C 208 -4.38 21.33 3.57
C PRO C 208 -3.20 21.89 4.37
N GLU C 209 -3.36 23.10 4.91
CA GLU C 209 -2.28 23.70 5.70
C GLU C 209 -2.15 22.89 6.99
N LEU C 210 -0.92 22.46 7.27
CA LEU C 210 -0.65 21.66 8.46
C LEU C 210 0.83 21.80 8.88
N LYS C 211 1.08 21.79 10.19
CA LYS C 211 2.46 21.93 10.67
C LYS C 211 2.98 20.70 11.44
N PHE C 212 4.19 20.23 11.07
CA PHE C 212 4.82 19.08 11.69
C PHE C 212 5.99 19.52 12.57
N ARG C 213 6.08 18.94 13.75
CA ARG C 213 7.18 19.23 14.63
C ARG C 213 7.53 17.95 15.41
N PHE C 214 8.78 17.49 15.34
CA PHE C 214 9.21 16.34 16.12
C PHE C 214 9.75 16.83 17.47
N LEU C 215 9.61 15.99 18.49
CA LEU C 215 10.08 16.33 19.85
C LEU C 215 10.98 15.22 20.45
N ARG C 216 12.12 15.63 21.02
CA ARG C 216 13.03 14.72 21.69
C ARG C 216 13.07 15.05 23.19
N ASN C 217 12.53 14.16 24.01
CA ASN C 217 12.46 14.38 25.45
C ASN C 217 11.70 15.69 25.73
N GLY C 218 10.64 15.93 24.95
CA GLY C 218 9.81 17.10 25.12
C GLY C 218 10.20 18.41 24.48
N LEU C 219 11.39 18.48 23.89
CA LEU C 219 11.88 19.69 23.25
C LEU C 219 11.79 19.63 21.74
N ALA C 220 11.54 20.77 21.10
CA ALA C 220 11.47 20.87 19.64
C ALA C 220 12.78 20.31 19.12
N SER C 221 12.73 19.60 17.97
CA SER C 221 13.92 18.99 17.43
C SER C 221 14.01 18.88 15.89
N GLY C 222 13.22 19.67 15.16
CA GLY C 222 13.27 19.64 13.71
C GLY C 222 11.89 19.33 13.14
N SER C 223 11.72 19.60 11.84
CA SER C 223 10.44 19.31 11.19
C SER C 223 10.46 18.07 10.31
N GLY C 224 11.66 17.56 9.96
CA GLY C 224 11.86 16.37 9.12
C GLY C 224 11.69 16.63 7.61
N ASN C 225 11.96 15.69 6.69
CA ASN C 225 11.68 16.00 5.26
C ASN C 225 10.15 15.66 5.09
N CYS C 226 9.30 16.62 4.70
CA CYS C 226 7.85 16.30 4.59
C CYS C 226 7.18 16.47 3.21
N SER C 227 5.98 15.91 3.05
CA SER C 227 5.26 16.03 1.78
C SER C 227 3.77 15.81 1.95
N THR C 228 2.97 16.25 0.97
CA THR C 228 1.53 16.00 1.04
C THR C 228 0.93 15.63 -0.33
N GLY C 229 -0.25 15.04 -0.31
CA GLY C 229 -0.91 14.65 -1.55
C GLY C 229 -2.44 14.46 -1.43
N PRO C 230 -3.17 14.46 -2.55
CA PRO C 230 -4.65 14.31 -2.58
C PRO C 230 -5.07 12.94 -2.12
N ASN C 231 -6.15 12.87 -1.36
CA ASN C 231 -6.60 11.60 -0.80
C ASN C 231 -7.70 10.87 -1.53
N GLY C 232 -8.14 11.40 -2.68
CA GLY C 232 -9.20 10.77 -3.45
C GLY C 232 -10.67 11.12 -3.19
N ASP C 233 -10.99 11.74 -2.04
CA ASP C 233 -12.37 12.11 -1.69
C ASP C 233 -12.55 13.57 -1.19
N GLY C 234 -11.64 14.48 -1.52
CA GLY C 234 -11.78 15.84 -1.04
C GLY C 234 -10.82 16.23 0.07
N SER C 235 -10.46 15.27 0.93
CA SER C 235 -9.51 15.48 2.02
C SER C 235 -8.06 15.27 1.54
N PHE C 236 -7.09 15.48 2.42
CA PHE C 236 -5.66 15.33 2.08
C PHE C 236 -4.88 14.33 2.94
N HIS C 237 -3.67 14.00 2.50
CA HIS C 237 -2.76 13.05 3.18
C HIS C 237 -1.31 13.65 3.21
N ALA C 238 -0.60 13.51 4.34
CA ALA C 238 0.79 14.01 4.44
C ALA C 238 1.70 13.17 5.32
N TRP C 239 3.02 13.34 5.21
CA TRP C 239 4.00 12.55 6.01
C TRP C 239 5.35 13.26 6.15
N SER C 240 6.09 12.94 7.21
CA SER C 240 7.39 13.58 7.43
C SER C 240 8.42 12.54 7.94
N LEU C 241 9.64 12.57 7.38
CA LEU C 241 10.66 11.59 7.80
C LEU C 241 11.84 12.22 8.58
N LEU C 242 12.37 11.50 9.56
CA LEU C 242 13.48 12.01 10.37
C LEU C 242 14.45 10.85 10.65
N GLU C 243 15.75 11.07 10.45
CA GLU C 243 16.77 10.02 10.69
C GLU C 243 17.32 10.15 12.12
N VAL C 244 17.29 9.05 12.87
CA VAL C 244 17.80 9.09 14.23
C VAL C 244 18.78 7.93 14.42
N LYS C 245 19.46 7.89 15.56
CA LYS C 245 20.42 6.83 15.85
C LYS C 245 19.72 5.55 16.25
N ARG C 246 20.21 4.42 15.74
CA ARG C 246 19.60 3.10 16.05
C ARG C 246 19.61 2.90 17.56
N GLY C 247 18.45 2.57 18.17
CA GLY C 247 18.39 2.43 19.61
C GLY C 247 17.69 3.56 20.40
N ASP C 248 17.65 4.80 19.90
CA ASP C 248 16.93 5.80 20.70
C ASP C 248 15.63 6.39 20.13
N GLU C 249 14.95 5.54 19.37
CA GLU C 249 13.64 5.87 18.80
C GLU C 249 12.64 6.30 19.89
N HIS C 250 12.56 5.54 20.98
CA HIS C 250 11.63 5.83 22.07
C HIS C 250 11.71 7.22 22.74
N HIS C 251 12.74 8.01 22.41
CA HIS C 251 12.85 9.37 22.98
C HIS C 251 12.04 10.37 22.16
N TYR C 252 11.51 9.95 21.01
CA TYR C 252 10.79 10.86 20.12
C TYR C 252 9.27 10.82 20.09
N GLN C 253 8.67 11.98 19.76
CA GLN C 253 7.22 12.14 19.60
C GLN C 253 7.02 13.03 18.38
N CYS C 254 5.77 13.09 17.90
CA CYS C 254 5.43 13.97 16.77
C CYS C 254 4.23 14.85 17.22
N GLN C 255 4.16 16.07 16.75
CA GLN C 255 3.08 16.98 17.17
C GLN C 255 2.61 17.79 15.96
N VAL C 256 1.30 17.94 15.81
CA VAL C 256 0.76 18.70 14.67
C VAL C 256 -0.19 19.85 15.05
N GLU C 257 -0.13 20.92 14.26
CA GLU C 257 -1.01 22.08 14.41
C GLU C 257 -1.97 22.14 13.21
N HIS C 258 -3.27 22.31 13.48
CA HIS C 258 -4.26 22.39 12.41
C HIS C 258 -5.60 23.07 12.85
N GLU C 259 -6.18 23.81 11.91
CA GLU C 259 -7.44 24.56 12.11
C GLU C 259 -8.61 23.79 12.73
N GLY C 260 -8.66 22.47 12.58
CA GLY C 260 -9.76 21.72 13.14
C GLY C 260 -9.49 21.20 14.54
N LEU C 261 -8.36 21.62 15.12
CA LEU C 261 -7.95 21.21 16.47
C LEU C 261 -7.96 22.39 17.42
N ALA C 262 -8.46 22.19 18.65
CA ALA C 262 -8.50 23.25 19.66
C ALA C 262 -7.07 23.74 19.97
N GLN C 263 -6.13 22.79 20.01
CA GLN C 263 -4.71 23.07 20.25
C GLN C 263 -3.86 21.92 19.71
N PRO C 264 -2.54 22.13 19.65
CA PRO C 264 -1.64 21.11 19.15
C PRO C 264 -1.95 19.72 19.69
N LEU C 265 -1.79 18.73 18.83
CA LEU C 265 -2.03 17.33 19.19
C LEU C 265 -0.70 16.55 19.19
N THR C 266 -0.38 15.87 20.28
CA THR C 266 0.88 15.12 20.35
C THR C 266 0.62 13.64 20.07
N VAL C 267 1.53 13.02 19.31
CA VAL C 267 1.46 11.59 18.93
C VAL C 267 2.63 10.73 19.45
N ASP C 268 2.33 9.53 19.93
CA ASP C 268 3.32 8.59 20.44
C ASP C 268 3.54 7.36 19.53
N LEU C 269 4.70 6.71 19.66
CA LEU C 269 5.01 5.48 18.90
C LEU C 269 4.12 4.35 19.46
N ILE D 1 12.23 21.32 -22.67
CA ILE D 1 12.86 20.75 -21.44
C ILE D 1 12.07 19.53 -20.96
N GLN D 2 12.78 18.49 -20.54
CA GLN D 2 12.14 17.26 -20.06
C GLN D 2 12.28 17.15 -18.54
N LYS D 3 11.37 16.43 -17.89
CA LYS D 3 11.45 16.27 -16.43
C LYS D 3 10.94 14.89 -16.04
N THR D 4 11.76 14.11 -15.33
CA THR D 4 11.38 12.73 -14.93
C THR D 4 10.40 12.74 -13.78
N PRO D 5 9.43 11.83 -13.78
CA PRO D 5 8.42 11.74 -12.72
C PRO D 5 8.80 11.31 -11.32
N GLN D 6 8.10 11.91 -10.36
CA GLN D 6 8.25 11.56 -8.95
C GLN D 6 7.04 10.64 -8.76
N ILE D 7 7.17 9.59 -7.95
CA ILE D 7 6.10 8.62 -7.76
C ILE D 7 5.94 8.32 -6.27
N GLN D 8 4.72 8.44 -5.73
CA GLN D 8 4.48 8.20 -4.31
C GLN D 8 3.22 7.38 -4.11
N VAL D 9 3.32 6.29 -3.35
CA VAL D 9 2.19 5.38 -3.12
C VAL D 9 1.73 5.36 -1.64
N TYR D 10 0.41 5.44 -1.39
CA TYR D 10 -0.13 5.46 -0.02
C TYR D 10 -1.62 5.14 0.05
N SER D 11 -2.11 4.83 1.26
CA SER D 11 -3.53 4.48 1.45
C SER D 11 -4.41 5.66 1.97
N ARG D 12 -5.74 5.55 1.82
CA ARG D 12 -6.66 6.62 2.24
C ARG D 12 -6.91 6.74 3.76
N HIS D 13 -7.17 5.60 4.40
CA HIS D 13 -7.39 5.52 5.83
C HIS D 13 -6.19 4.73 6.47
N PRO D 14 -5.96 4.85 7.78
CA PRO D 14 -4.85 4.08 8.41
C PRO D 14 -5.05 2.59 8.06
N PRO D 15 -4.07 1.93 7.45
CA PRO D 15 -4.22 0.51 7.07
C PRO D 15 -4.32 -0.55 8.14
N GLU D 16 -5.14 -1.58 7.86
CA GLU D 16 -5.33 -2.77 8.71
C GLU D 16 -5.63 -3.99 7.81
N ASN D 17 -4.90 -5.08 7.99
CA ASN D 17 -5.10 -6.28 7.20
C ASN D 17 -6.58 -6.77 7.25
N GLY D 18 -7.15 -7.09 6.10
CA GLY D 18 -8.54 -7.58 6.12
C GLY D 18 -9.64 -6.52 6.15
N LYS D 19 -9.28 -5.24 6.17
CA LYS D 19 -10.25 -4.14 6.20
C LYS D 19 -10.26 -3.41 4.84
N PRO D 20 -11.43 -3.33 4.17
CA PRO D 20 -11.58 -2.65 2.87
C PRO D 20 -11.09 -1.18 3.00
N ASN D 21 -10.37 -0.68 2.00
CA ASN D 21 -9.73 0.66 2.06
C ASN D 21 -9.59 1.11 0.60
N PHE D 22 -8.73 2.09 0.33
CA PHE D 22 -8.49 2.59 -1.03
C PHE D 22 -6.95 2.85 -1.24
N LEU D 23 -6.40 2.41 -2.38
CA LEU D 23 -4.96 2.56 -2.72
C LEU D 23 -4.70 3.69 -3.70
N ASN D 24 -3.77 4.59 -3.36
CA ASN D 24 -3.45 5.77 -4.18
C ASN D 24 -2.01 5.78 -4.70
N CYS D 25 -1.82 6.18 -5.95
CA CYS D 25 -0.48 6.35 -6.53
C CYS D 25 -0.51 7.75 -7.10
N TYR D 26 0.25 8.66 -6.48
CA TYR D 26 0.32 10.06 -6.90
C TYR D 26 1.57 10.28 -7.75
N VAL D 27 1.37 10.62 -9.03
CA VAL D 27 2.48 10.84 -9.98
C VAL D 27 2.54 12.33 -10.29
N SER D 28 3.69 12.96 -10.01
CA SER D 28 3.86 14.40 -10.18
C SER D 28 5.20 14.86 -10.77
N GLN D 29 5.34 16.18 -10.93
CA GLN D 29 6.55 16.82 -11.49
C GLN D 29 7.10 16.32 -12.84
N PHE D 30 6.24 15.86 -13.75
CA PHE D 30 6.76 15.40 -15.04
C PHE D 30 6.43 16.30 -16.25
N HIS D 31 7.16 16.10 -17.35
CA HIS D 31 6.99 16.83 -18.62
C HIS D 31 7.80 16.03 -19.69
N PRO D 32 7.18 15.72 -20.84
CA PRO D 32 5.84 16.00 -21.35
C PRO D 32 4.72 15.23 -20.66
N PRO D 33 3.44 15.60 -20.91
CA PRO D 33 2.23 14.98 -20.33
C PRO D 33 1.82 13.56 -20.75
N GLN D 34 2.42 13.04 -21.83
CA GLN D 34 2.16 11.67 -22.31
C GLN D 34 2.80 10.68 -21.30
N ILE D 35 1.97 9.82 -20.70
CA ILE D 35 2.47 8.90 -19.70
C ILE D 35 1.58 7.66 -19.57
N GLU D 36 2.12 6.57 -19.02
CA GLU D 36 1.33 5.35 -18.80
C GLU D 36 1.46 4.94 -17.35
N ILE D 37 0.35 4.55 -16.74
CA ILE D 37 0.36 4.20 -15.33
C ILE D 37 -0.53 3.04 -15.00
N GLU D 38 -0.01 2.10 -14.21
CA GLU D 38 -0.84 0.99 -13.80
C GLU D 38 -0.58 0.59 -12.37
N LEU D 39 -1.60 0.04 -11.76
CA LEU D 39 -1.51 -0.43 -10.40
C LEU D 39 -1.29 -1.96 -10.48
N LEU D 40 -0.35 -2.45 -9.69
CA LEU D 40 -0.03 -3.87 -9.72
C LEU D 40 -0.34 -4.64 -8.40
N LYS D 41 -0.71 -5.90 -8.54
CA LYS D 41 -0.90 -6.85 -7.43
C LYS D 41 0.05 -8.07 -7.78
N ASN D 42 1.05 -8.29 -6.94
CA ASN D 42 2.03 -9.36 -7.12
C ASN D 42 2.57 -9.32 -8.57
N GLY D 43 2.93 -8.12 -9.03
CA GLY D 43 3.47 -7.96 -10.37
C GLY D 43 2.49 -8.02 -11.55
N LYS D 44 1.22 -8.38 -11.36
CA LYS D 44 0.27 -8.44 -12.45
C LYS D 44 -0.68 -7.25 -12.41
N LYS D 45 -0.93 -6.65 -13.56
CA LYS D 45 -1.83 -5.51 -13.69
C LYS D 45 -3.26 -5.74 -13.12
N ILE D 46 -3.76 -4.77 -12.36
CA ILE D 46 -5.11 -4.81 -11.75
C ILE D 46 -6.04 -4.13 -12.77
N PRO D 47 -7.17 -4.77 -13.13
CA PRO D 47 -8.15 -4.23 -14.09
C PRO D 47 -9.19 -3.23 -13.53
N ASN D 48 -9.63 -2.31 -14.38
CA ASN D 48 -10.64 -1.30 -14.03
C ASN D 48 -10.32 -0.31 -12.90
N ILE D 49 -9.19 0.39 -12.96
CA ILE D 49 -8.87 1.38 -11.91
C ILE D 49 -9.42 2.76 -12.30
N GLU D 50 -9.43 3.72 -11.36
CA GLU D 50 -9.90 5.08 -11.63
C GLU D 50 -8.77 6.10 -11.69
N MET D 51 -8.99 7.24 -12.35
CA MET D 51 -7.98 8.28 -12.48
C MET D 51 -8.61 9.67 -12.35
N SER D 52 -7.94 10.58 -11.66
CA SER D 52 -8.47 11.94 -11.49
C SER D 52 -8.16 12.70 -12.78
N ASP D 53 -8.57 13.95 -12.82
CA ASP D 53 -8.29 14.80 -13.97
C ASP D 53 -6.79 15.14 -13.91
N LEU D 54 -6.15 15.27 -15.08
CA LEU D 54 -4.74 15.63 -15.17
C LEU D 54 -4.62 17.15 -14.99
N SER D 55 -3.76 17.59 -14.07
CA SER D 55 -3.53 19.01 -13.78
C SER D 55 -2.02 19.41 -13.68
N PHE D 56 -1.71 20.61 -13.19
CA PHE D 56 -0.30 21.06 -13.10
C PHE D 56 -0.11 22.19 -12.09
N SER D 57 1.13 22.42 -11.67
CA SER D 57 1.42 23.45 -10.68
C SER D 57 2.15 24.68 -11.18
N LYS D 58 2.38 25.62 -10.26
CA LYS D 58 3.04 26.89 -10.57
C LYS D 58 4.27 26.80 -11.46
N ASP D 59 5.07 25.74 -11.32
CA ASP D 59 6.28 25.62 -12.14
C ASP D 59 6.04 24.89 -13.45
N TRP D 60 4.76 24.68 -13.78
CA TRP D 60 4.37 24.04 -15.03
C TRP D 60 4.43 22.52 -15.11
N SER D 61 5.05 21.83 -14.16
CA SER D 61 5.10 20.37 -14.27
C SER D 61 3.74 19.73 -13.92
N PHE D 62 3.39 18.62 -14.60
CA PHE D 62 2.10 17.92 -14.45
C PHE D 62 1.94 16.93 -13.29
N TYR D 63 0.68 16.65 -12.89
CA TYR D 63 0.35 15.72 -11.80
C TYR D 63 -1.05 15.07 -11.93
N ILE D 64 -1.20 13.86 -11.38
CA ILE D 64 -2.47 13.14 -11.48
C ILE D 64 -2.50 12.03 -10.42
N LEU D 65 -3.69 11.51 -10.10
CA LEU D 65 -3.85 10.48 -9.09
C LEU D 65 -4.56 9.20 -9.61
N ALA D 66 -3.93 8.04 -9.40
CA ALA D 66 -4.57 6.78 -9.80
C ALA D 66 -4.99 6.13 -8.50
N HIS D 67 -6.18 5.54 -8.48
CA HIS D 67 -6.63 4.90 -7.25
C HIS D 67 -7.63 3.78 -7.52
N THR D 68 -7.87 2.92 -6.53
CA THR D 68 -8.82 1.82 -6.65
C THR D 68 -9.10 1.25 -5.27
N GLU D 69 -10.20 0.51 -5.15
CA GLU D 69 -10.51 -0.12 -3.87
C GLU D 69 -9.65 -1.39 -3.67
N PHE D 70 -9.25 -1.67 -2.43
CA PHE D 70 -8.44 -2.87 -2.15
C PHE D 70 -8.46 -3.20 -0.68
N THR D 71 -8.16 -4.46 -0.34
CA THR D 71 -8.09 -4.92 1.05
C THR D 71 -6.67 -5.43 1.32
N PRO D 72 -5.91 -4.76 2.19
CA PRO D 72 -4.54 -5.26 2.46
C PRO D 72 -4.46 -6.54 3.26
N THR D 73 -3.44 -7.36 2.95
CA THR D 73 -3.17 -8.64 3.64
C THR D 73 -1.67 -8.77 3.92
N GLU D 74 -1.27 -9.73 4.73
CA GLU D 74 0.16 -9.90 5.04
C GLU D 74 1.10 -10.18 3.87
N THR D 75 0.66 -11.02 2.92
CA THR D 75 1.50 -11.44 1.81
C THR D 75 1.42 -10.77 0.43
N ASP D 76 0.28 -10.21 0.05
CA ASP D 76 0.21 -9.59 -1.28
C ASP D 76 1.06 -8.29 -1.40
N VAL D 77 1.73 -8.10 -2.53
CA VAL D 77 2.58 -6.90 -2.74
C VAL D 77 1.96 -5.94 -3.77
N TYR D 78 1.79 -4.68 -3.40
CA TYR D 78 1.15 -3.69 -4.27
C TYR D 78 2.15 -2.67 -4.73
N ALA D 79 2.05 -2.31 -6.00
CA ALA D 79 2.97 -1.33 -6.55
C ALA D 79 2.32 -0.48 -7.65
N CYS D 80 3.11 0.44 -8.17
CA CYS D 80 2.66 1.36 -9.19
C CYS D 80 3.76 1.39 -10.27
N ARG D 81 3.42 1.07 -11.51
CA ARG D 81 4.44 1.05 -12.58
C ARG D 81 4.21 2.14 -13.64
N VAL D 82 5.25 2.87 -14.01
CA VAL D 82 5.07 3.91 -15.02
C VAL D 82 6.11 3.95 -16.17
N LYS D 83 5.67 4.32 -17.36
CA LYS D 83 6.55 4.45 -18.53
C LYS D 83 6.48 5.90 -19.02
N HIS D 84 7.62 6.45 -19.45
CA HIS D 84 7.79 7.84 -19.92
C HIS D 84 9.11 7.96 -20.74
N VAL D 85 9.18 8.94 -21.64
CA VAL D 85 10.38 9.15 -22.48
C VAL D 85 11.68 9.27 -21.72
N THR D 86 11.65 9.91 -20.55
CA THR D 86 12.88 10.06 -19.80
C THR D 86 13.36 8.74 -19.16
N LEU D 87 12.55 7.69 -19.29
CA LEU D 87 12.85 6.41 -18.67
C LEU D 87 13.29 5.29 -19.66
N LYS D 88 14.57 4.88 -19.62
CA LYS D 88 15.04 3.82 -20.51
C LYS D 88 14.24 2.53 -20.31
N GLU D 89 13.99 2.17 -19.05
CA GLU D 89 13.18 1.02 -18.71
C GLU D 89 12.10 1.49 -17.72
N PRO D 90 10.91 0.85 -17.75
CA PRO D 90 9.83 1.25 -16.81
C PRO D 90 10.30 1.30 -15.34
N LYS D 91 9.73 2.23 -14.57
CA LYS D 91 10.07 2.33 -13.12
C LYS D 91 8.90 1.68 -12.37
N THR D 92 9.22 0.85 -11.38
CA THR D 92 8.22 0.14 -10.55
C THR D 92 8.46 0.52 -9.07
N VAL D 93 7.49 1.16 -8.42
CA VAL D 93 7.63 1.57 -7.02
C VAL D 93 6.68 0.77 -6.09
N THR D 94 7.23 0.14 -5.07
CA THR D 94 6.41 -0.67 -4.18
C THR D 94 5.75 0.11 -3.03
N TRP D 95 4.52 -0.26 -2.65
CA TRP D 95 3.80 0.41 -1.55
C TRP D 95 4.41 0.16 -0.14
N ASP D 96 4.80 1.23 0.53
CA ASP D 96 5.35 1.22 1.90
C ASP D 96 4.20 1.49 2.91
N ARG D 97 3.81 0.50 3.71
CA ARG D 97 2.72 0.62 4.71
C ARG D 97 2.80 1.71 5.81
N ASP D 98 3.91 2.42 5.91
CA ASP D 98 4.05 3.45 6.95
C ASP D 98 3.73 4.86 6.45
N MET D 99 3.76 5.05 5.13
CA MET D 99 3.50 6.35 4.52
C MET D 99 2.09 6.86 4.80
N ALA E 1 -46.21 -11.34 9.92
CA ALA E 1 -47.13 -10.16 9.91
C ALA E 1 -46.39 -8.87 9.60
N GLU E 2 -45.77 -8.29 10.63
CA GLU E 2 -45.00 -7.03 10.51
C GLU E 2 -43.89 -7.12 9.45
N PRO E 3 -43.57 -5.97 8.79
CA PRO E 3 -42.51 -5.97 7.77
C PRO E 3 -41.32 -6.84 8.15
N ARG E 4 -41.20 -7.97 7.45
CA ARG E 4 -40.13 -8.93 7.69
C ARG E 4 -38.96 -8.62 6.76
N LEU E 5 -37.89 -8.02 7.30
CA LEU E 5 -36.70 -7.67 6.53
C LEU E 5 -35.86 -8.89 6.12
N PRO E 6 -35.79 -9.17 4.81
CA PRO E 6 -35.01 -10.31 4.30
C PRO E 6 -33.56 -9.95 3.93
N LEU E 7 -32.70 -10.96 3.89
CA LEU E 7 -31.30 -10.82 3.51
C LEU E 7 -31.12 -11.81 2.35
N MET E 8 -30.79 -11.32 1.15
CA MET E 8 -30.65 -12.20 -0.03
C MET E 8 -29.37 -12.01 -0.86
N TYR E 9 -28.79 -13.13 -1.32
CA TYR E 9 -27.61 -13.15 -2.17
C TYR E 9 -28.01 -13.56 -3.59
N HIS E 10 -27.48 -12.86 -4.60
CA HIS E 10 -27.75 -13.14 -6.01
C HIS E 10 -26.47 -13.66 -6.68
N LEU E 11 -26.40 -14.95 -7.02
CA LEU E 11 -25.19 -15.51 -7.64
C LEU E 11 -25.36 -15.86 -9.13
N ALA E 12 -24.28 -15.73 -9.91
CA ALA E 12 -24.31 -16.02 -11.34
C ALA E 12 -22.95 -16.40 -11.92
N ALA E 13 -22.94 -17.28 -12.92
CA ALA E 13 -21.72 -17.73 -13.63
C ALA E 13 -22.04 -18.01 -15.11
N VAL E 14 -21.09 -17.71 -16.00
CA VAL E 14 -21.28 -17.89 -17.44
C VAL E 14 -20.09 -18.51 -18.20
N SER E 15 -20.37 -19.11 -19.36
CA SER E 15 -19.33 -19.70 -20.19
C SER E 15 -18.84 -18.71 -21.26
N ASP E 16 -19.78 -18.01 -21.91
CA ASP E 16 -19.40 -17.04 -22.95
C ASP E 16 -18.81 -15.72 -22.38
N LEU E 17 -17.53 -15.49 -22.64
CA LEU E 17 -16.84 -14.30 -22.15
C LEU E 17 -16.61 -13.21 -23.20
N SER E 18 -17.22 -13.34 -24.37
CA SER E 18 -17.02 -12.35 -25.44
C SER E 18 -17.48 -10.90 -25.18
N THR E 19 -18.18 -10.63 -24.07
CA THR E 19 -18.60 -9.26 -23.77
C THR E 19 -17.90 -8.71 -22.51
N GLY E 20 -16.86 -9.41 -22.08
CA GLY E 20 -16.08 -8.97 -20.94
C GLY E 20 -16.61 -9.21 -19.53
N LEU E 21 -17.57 -10.11 -19.36
CA LEU E 21 -18.09 -10.36 -18.01
C LEU E 21 -17.12 -11.25 -17.25
N PRO E 22 -17.07 -11.11 -15.91
CA PRO E 22 -16.17 -11.99 -15.18
C PRO E 22 -16.85 -13.36 -15.21
N SER E 23 -16.10 -14.44 -15.04
CA SER E 23 -16.66 -15.78 -15.04
C SER E 23 -17.70 -15.99 -13.93
N PHE E 24 -17.53 -15.28 -12.81
CA PHE E 24 -18.45 -15.43 -11.68
C PHE E 24 -18.58 -14.13 -10.87
N TRP E 25 -19.80 -13.80 -10.42
CA TRP E 25 -20.00 -12.58 -9.62
C TRP E 25 -21.23 -12.64 -8.68
N ALA E 26 -21.27 -11.77 -7.68
CA ALA E 26 -22.38 -11.75 -6.72
C ALA E 26 -22.68 -10.39 -6.10
N THR E 27 -23.94 -10.16 -5.69
CA THR E 27 -24.38 -8.94 -5.00
C THR E 27 -25.27 -9.33 -3.81
N GLY E 28 -25.34 -8.49 -2.77
CA GLY E 28 -26.15 -8.80 -1.58
C GLY E 28 -27.14 -7.70 -1.17
N TRP E 29 -28.33 -8.10 -0.70
CA TRP E 29 -29.35 -7.10 -0.35
C TRP E 29 -30.05 -7.23 1.02
N LEU E 30 -30.33 -6.07 1.62
CA LEU E 30 -31.04 -6.02 2.90
C LEU E 30 -32.36 -5.36 2.56
N GLY E 31 -33.36 -6.17 2.25
CA GLY E 31 -34.62 -5.59 1.85
C GLY E 31 -34.37 -5.00 0.45
N ALA E 32 -34.61 -3.71 0.25
CA ALA E 32 -34.44 -3.08 -1.06
C ALA E 32 -33.12 -2.37 -1.35
N GLN E 33 -32.15 -2.44 -0.44
CA GLN E 33 -30.87 -1.79 -0.71
C GLN E 33 -29.71 -2.79 -0.72
N GLN E 34 -28.79 -2.59 -1.66
CA GLN E 34 -27.59 -3.44 -1.80
C GLN E 34 -26.56 -3.01 -0.73
N TYR E 35 -25.86 -3.98 -0.13
CA TYR E 35 -24.84 -3.67 0.87
C TYR E 35 -23.52 -4.35 0.55
N LEU E 36 -23.51 -5.23 -0.44
CA LEU E 36 -22.29 -5.98 -0.79
C LEU E 36 -22.09 -6.31 -2.28
N THR E 37 -20.81 -6.38 -2.69
CA THR E 37 -20.45 -6.71 -4.08
C THR E 37 -19.19 -7.60 -4.15
N TYR E 38 -19.08 -8.43 -5.19
CA TYR E 38 -17.94 -9.35 -5.35
C TYR E 38 -17.84 -9.96 -6.75
N ASN E 39 -16.62 -10.12 -7.28
CA ASN E 39 -16.42 -10.78 -8.58
C ASN E 39 -15.08 -11.54 -8.61
N ASN E 40 -14.93 -12.49 -9.52
CA ASN E 40 -13.70 -13.30 -9.55
C ASN E 40 -12.42 -12.67 -10.13
N LEU E 41 -12.50 -11.51 -10.78
CA LEU E 41 -11.29 -10.87 -11.27
C LEU E 41 -10.57 -10.15 -10.11
N ARG E 42 -11.24 -9.98 -8.96
CA ARG E 42 -10.66 -9.27 -7.82
C ARG E 42 -10.63 -10.07 -6.51
N GLN E 43 -11.54 -11.04 -6.37
CA GLN E 43 -11.66 -11.89 -5.20
C GLN E 43 -11.83 -11.22 -3.84
N GLU E 44 -12.64 -10.17 -3.76
CA GLU E 44 -12.87 -9.51 -2.47
C GLU E 44 -14.31 -9.08 -2.35
N ALA E 45 -14.88 -9.21 -1.15
CA ALA E 45 -16.24 -8.76 -0.91
C ALA E 45 -16.12 -7.36 -0.30
N ASP E 46 -16.72 -6.37 -0.94
CA ASP E 46 -16.66 -5.01 -0.43
C ASP E 46 -18.03 -4.50 -0.08
N PRO E 47 -18.09 -3.52 0.85
CA PRO E 47 -19.36 -2.91 1.27
C PRO E 47 -19.76 -1.88 0.20
N CYS E 48 -21.04 -1.56 0.14
CA CYS E 48 -21.55 -0.58 -0.82
C CYS E 48 -22.10 0.66 -0.10
N GLY E 49 -21.96 1.82 -0.73
CA GLY E 49 -22.47 3.06 -0.16
C GLY E 49 -22.20 3.39 1.29
N ALA E 50 -23.27 3.74 2.01
CA ALA E 50 -23.20 4.12 3.42
C ALA E 50 -22.66 3.00 4.30
N TRP E 51 -22.94 1.77 3.92
CA TRP E 51 -22.51 0.60 4.67
C TRP E 51 -20.99 0.59 4.89
N ILE E 52 -20.27 1.50 4.23
CA ILE E 52 -18.82 1.61 4.37
C ILE E 52 -18.51 2.14 5.78
N TRP E 53 -19.45 2.90 6.34
CA TRP E 53 -19.31 3.52 7.66
C TRP E 53 -19.88 2.70 8.85
N GLU E 54 -20.60 1.63 8.55
CA GLU E 54 -21.21 0.79 9.60
C GLU E 54 -20.16 0.22 10.55
N ASN E 55 -20.42 0.32 11.85
CA ASN E 55 -19.50 -0.20 12.86
C ASN E 55 -19.69 -1.71 12.94
N GLN E 56 -18.68 -2.47 12.51
CA GLN E 56 -18.76 -3.93 12.52
C GLN E 56 -17.62 -4.61 13.28
N VAL E 57 -17.81 -5.89 13.62
CA VAL E 57 -16.79 -6.66 14.31
C VAL E 57 -15.61 -6.70 13.32
N SER E 58 -14.39 -6.75 13.83
CA SER E 58 -13.22 -6.71 12.97
C SER E 58 -13.00 -7.84 11.95
N TRP E 59 -13.79 -8.90 12.01
CA TRP E 59 -13.63 -10.00 11.07
C TRP E 59 -14.79 -10.10 10.06
N TYR E 60 -15.80 -9.25 10.23
CA TYR E 60 -16.98 -9.27 9.37
C TYR E 60 -16.77 -9.41 7.86
N TRP E 61 -16.05 -8.47 7.25
CA TRP E 61 -15.81 -8.51 5.82
C TRP E 61 -14.87 -9.61 5.34
N GLU E 62 -14.07 -10.16 6.25
CA GLU E 62 -13.15 -11.24 5.89
C GLU E 62 -13.89 -12.58 5.74
N LYS E 63 -14.91 -12.79 6.57
CA LYS E 63 -15.71 -14.01 6.53
C LYS E 63 -16.64 -14.00 5.30
N GLU E 64 -17.11 -12.80 4.97
CA GLU E 64 -18.00 -12.63 3.83
C GLU E 64 -17.22 -13.02 2.57
N THR E 65 -15.95 -12.65 2.50
CA THR E 65 -15.12 -12.98 1.34
C THR E 65 -14.87 -14.47 1.20
N THR E 66 -14.62 -15.15 2.32
CA THR E 66 -14.33 -16.57 2.26
C THR E 66 -15.54 -17.41 1.88
N ASP E 67 -16.72 -17.08 2.41
CA ASP E 67 -17.92 -17.86 2.06
C ASP E 67 -18.18 -17.75 0.55
N LEU E 68 -17.99 -16.54 -0.01
CA LEU E 68 -18.23 -16.33 -1.44
C LEU E 68 -17.18 -16.97 -2.37
N LYS E 69 -15.99 -17.19 -1.87
CA LYS E 69 -14.92 -17.83 -2.67
C LYS E 69 -15.26 -19.31 -2.84
N SER E 70 -15.95 -19.87 -1.85
CA SER E 70 -16.37 -21.28 -1.86
C SER E 70 -17.40 -21.49 -2.96
N LYS E 71 -18.43 -20.65 -2.96
CA LYS E 71 -19.52 -20.76 -3.94
C LYS E 71 -19.01 -20.54 -5.35
N GLU E 72 -17.97 -19.72 -5.50
CA GLU E 72 -17.39 -19.46 -6.80
C GLU E 72 -16.85 -20.76 -7.40
N GLN E 73 -16.18 -21.57 -6.57
CA GLN E 73 -15.63 -22.83 -7.06
C GLN E 73 -16.72 -23.85 -7.44
N LEU E 74 -17.77 -23.97 -6.63
CA LEU E 74 -18.85 -24.90 -6.95
C LEU E 74 -19.52 -24.52 -8.29
N PHE E 75 -19.83 -23.24 -8.49
CA PHE E 75 -20.47 -22.78 -9.72
C PHE E 75 -19.61 -22.94 -10.98
N LEU E 76 -18.33 -22.58 -10.89
CA LEU E 76 -17.41 -22.68 -12.04
C LEU E 76 -17.12 -24.12 -12.49
N GLU E 77 -17.13 -25.05 -11.53
CA GLU E 77 -16.91 -26.47 -11.84
C GLU E 77 -18.16 -27.07 -12.49
N ALA E 78 -19.34 -26.62 -12.04
CA ALA E 78 -20.60 -27.11 -12.59
C ALA E 78 -20.69 -26.76 -14.08
N ILE E 79 -20.23 -25.56 -14.44
CA ILE E 79 -20.26 -25.14 -15.84
C ILE E 79 -19.37 -26.03 -16.73
N ARG E 80 -18.14 -26.27 -16.32
CA ARG E 80 -17.23 -27.12 -17.10
C ARG E 80 -17.76 -28.53 -17.34
N THR E 81 -18.41 -29.11 -16.34
CA THR E 81 -18.97 -30.45 -16.47
C THR E 81 -20.06 -30.50 -17.54
N LEU E 82 -20.97 -29.51 -17.54
CA LEU E 82 -22.04 -29.49 -18.54
C LEU E 82 -21.43 -29.30 -19.93
N GLU E 83 -20.39 -28.48 -20.01
CA GLU E 83 -19.72 -28.19 -21.27
C GLU E 83 -19.14 -29.47 -21.90
N ASN E 84 -18.89 -30.48 -21.08
CA ASN E 84 -18.31 -31.74 -21.55
C ASN E 84 -19.30 -32.79 -22.04
N GLN E 85 -20.47 -32.81 -21.43
CA GLN E 85 -21.50 -33.80 -21.77
C GLN E 85 -22.60 -33.25 -22.67
N ILE E 86 -22.65 -31.93 -22.83
CA ILE E 86 -23.66 -31.29 -23.66
C ILE E 86 -23.05 -30.16 -24.49
N ASN E 87 -23.64 -29.90 -25.64
CA ASN E 87 -23.15 -28.86 -26.53
C ASN E 87 -23.82 -27.53 -26.19
N GLY E 88 -23.15 -26.43 -26.53
CA GLY E 88 -23.70 -25.12 -26.28
C GLY E 88 -23.09 -24.37 -25.11
N THR E 89 -23.65 -23.20 -24.83
CA THR E 89 -23.17 -22.37 -23.74
C THR E 89 -24.17 -22.36 -22.58
N PHE E 90 -23.72 -21.93 -21.42
CA PHE E 90 -24.59 -21.92 -20.26
C PHE E 90 -24.51 -20.68 -19.36
N THR E 91 -25.57 -20.48 -18.58
CA THR E 91 -25.69 -19.40 -17.61
C THR E 91 -26.32 -20.06 -16.38
N LEU E 92 -25.63 -20.03 -15.25
CA LEU E 92 -26.13 -20.64 -14.02
C LEU E 92 -26.45 -19.57 -12.97
N GLN E 93 -27.61 -19.67 -12.32
CA GLN E 93 -28.02 -18.68 -11.32
C GLN E 93 -28.47 -19.28 -10.00
N GLY E 94 -28.39 -18.46 -8.96
CA GLY E 94 -28.80 -18.89 -7.64
C GLY E 94 -29.34 -17.76 -6.78
N LEU E 95 -30.33 -18.09 -5.95
CA LEU E 95 -30.94 -17.12 -5.04
C LEU E 95 -30.96 -17.75 -3.63
N LEU E 96 -30.05 -17.29 -2.77
CA LEU E 96 -29.90 -17.79 -1.40
C LEU E 96 -30.13 -16.69 -0.37
N GLY E 97 -30.85 -17.00 0.72
CA GLY E 97 -31.09 -15.99 1.74
C GLY E 97 -31.99 -16.44 2.89
N CYS E 98 -32.47 -15.49 3.69
CA CYS E 98 -33.32 -15.84 4.83
C CYS E 98 -34.08 -14.68 5.47
N GLU E 99 -34.99 -15.04 6.39
CA GLU E 99 -35.82 -14.09 7.15
C GLU E 99 -35.80 -14.49 8.61
N LEU E 100 -36.20 -13.57 9.50
CA LEU E 100 -36.17 -13.89 10.93
C LEU E 100 -37.53 -14.30 11.52
N ALA E 101 -37.54 -15.40 12.26
CA ALA E 101 -38.74 -15.92 12.92
C ALA E 101 -38.94 -15.16 14.24
N PRO E 102 -40.14 -15.27 14.87
CA PRO E 102 -40.40 -14.56 16.13
C PRO E 102 -39.34 -14.79 17.22
N ASP E 103 -38.75 -15.99 17.22
CA ASP E 103 -37.73 -16.33 18.21
C ASP E 103 -36.32 -16.01 17.71
N ASN E 104 -36.24 -15.24 16.62
CA ASN E 104 -34.97 -14.86 15.99
C ASN E 104 -34.32 -16.03 15.23
N SER E 105 -35.11 -17.06 14.95
CA SER E 105 -34.67 -18.24 14.22
C SER E 105 -34.84 -17.96 12.72
N SER E 106 -34.13 -18.71 11.88
CA SER E 106 -34.16 -18.49 10.43
C SER E 106 -35.27 -19.17 9.60
N LEU E 107 -35.64 -18.49 8.52
CA LEU E 107 -36.64 -18.94 7.54
C LEU E 107 -35.90 -18.83 6.20
N PRO E 108 -35.26 -19.95 5.74
CA PRO E 108 -34.47 -20.02 4.50
C PRO E 108 -35.15 -19.99 3.13
N THR E 109 -34.30 -19.85 2.11
CA THR E 109 -34.66 -19.78 0.70
C THR E 109 -33.42 -20.20 -0.08
N ALA E 110 -33.58 -21.14 -1.02
CA ALA E 110 -32.46 -21.61 -1.83
C ALA E 110 -32.89 -22.31 -3.13
N VAL E 111 -32.90 -21.55 -4.24
CA VAL E 111 -33.30 -22.06 -5.56
C VAL E 111 -32.26 -21.79 -6.68
N PHE E 112 -32.19 -22.68 -7.68
CA PHE E 112 -31.25 -22.56 -8.81
C PHE E 112 -31.91 -22.69 -10.18
N ALA E 113 -31.34 -22.01 -11.18
CA ALA E 113 -31.87 -22.02 -12.54
C ALA E 113 -30.78 -22.14 -13.61
N LEU E 114 -31.11 -22.79 -14.72
CA LEU E 114 -30.17 -22.94 -15.83
C LEU E 114 -30.82 -22.36 -17.07
N ASN E 115 -30.04 -21.55 -17.80
CA ASN E 115 -30.51 -20.90 -19.01
C ASN E 115 -31.89 -20.23 -18.87
N GLY E 116 -32.19 -19.72 -17.68
CA GLY E 116 -33.46 -19.03 -17.48
C GLY E 116 -34.61 -19.75 -16.77
N GLU E 117 -34.50 -21.05 -16.53
CA GLU E 117 -35.61 -21.75 -15.86
C GLU E 117 -35.19 -22.54 -14.62
N GLU E 118 -36.06 -22.54 -13.62
CA GLU E 118 -35.79 -23.29 -12.39
C GLU E 118 -35.57 -24.76 -12.72
N PHE E 119 -34.51 -25.35 -12.14
CA PHE E 119 -34.19 -26.76 -12.37
C PHE E 119 -33.65 -27.47 -11.12
N MET E 120 -33.53 -26.74 -10.02
CA MET E 120 -32.99 -27.33 -8.79
C MET E 120 -33.31 -26.51 -7.54
N ARG E 121 -33.33 -27.19 -6.40
CA ARG E 121 -33.60 -26.59 -5.09
C ARG E 121 -32.70 -27.26 -4.04
N PHE E 122 -32.57 -26.66 -2.87
CA PHE E 122 -31.74 -27.23 -1.81
C PHE E 122 -32.44 -27.05 -0.46
N ASN E 123 -32.46 -28.12 0.33
CA ASN E 123 -33.09 -28.10 1.63
C ASN E 123 -31.97 -28.12 2.65
N PRO E 124 -31.81 -27.01 3.39
CA PRO E 124 -30.74 -26.96 4.39
C PRO E 124 -30.99 -27.86 5.59
N ARG E 125 -32.27 -28.07 5.92
CA ARG E 125 -32.62 -28.92 7.06
C ARG E 125 -32.36 -30.39 6.79
N THR E 126 -32.23 -30.76 5.51
CA THR E 126 -31.97 -32.16 5.16
C THR E 126 -30.64 -32.31 4.42
N GLY E 127 -30.17 -31.20 3.84
CA GLY E 127 -28.91 -31.22 3.12
C GLY E 127 -28.95 -31.85 1.75
N ASN E 128 -30.11 -31.79 1.09
CA ASN E 128 -30.21 -32.40 -0.22
C ASN E 128 -30.67 -31.48 -1.34
N TRP E 129 -30.17 -31.79 -2.54
CA TRP E 129 -30.50 -31.06 -3.74
C TRP E 129 -31.54 -31.89 -4.49
N SER E 130 -32.59 -31.25 -5.00
CA SER E 130 -33.64 -31.96 -5.74
C SER E 130 -34.00 -31.29 -7.07
N GLY E 131 -34.91 -31.89 -7.82
CA GLY E 131 -35.30 -31.33 -9.10
C GLY E 131 -35.57 -32.42 -10.12
N GLU E 132 -36.18 -32.08 -11.25
CA GLU E 132 -36.48 -33.10 -12.24
C GLU E 132 -36.00 -32.86 -13.65
N TRP E 133 -34.69 -32.82 -13.85
CA TRP E 133 -34.18 -32.62 -15.19
C TRP E 133 -32.84 -33.34 -15.34
N PRO E 134 -32.50 -33.79 -16.55
CA PRO E 134 -31.21 -34.48 -16.68
C PRO E 134 -30.04 -33.67 -16.07
N GLU E 135 -30.09 -32.35 -16.22
CA GLU E 135 -29.03 -31.46 -15.69
C GLU E 135 -29.08 -31.38 -14.17
N THR E 136 -30.25 -31.63 -13.59
CA THR E 136 -30.37 -31.62 -12.13
C THR E 136 -29.48 -32.77 -11.61
N ASP E 137 -29.33 -33.82 -12.42
CA ASP E 137 -28.51 -34.98 -12.07
C ASP E 137 -27.02 -34.68 -12.27
N ILE E 138 -26.67 -34.16 -13.44
CA ILE E 138 -25.26 -33.84 -13.73
C ILE E 138 -24.62 -32.96 -12.66
N VAL E 139 -25.26 -31.82 -12.37
CA VAL E 139 -24.78 -30.87 -11.39
C VAL E 139 -24.91 -31.45 -9.97
N GLY E 140 -26.13 -31.76 -9.57
CA GLY E 140 -26.35 -32.32 -8.25
C GLY E 140 -25.36 -33.41 -7.88
N ASN E 141 -24.96 -34.21 -8.85
CA ASN E 141 -24.01 -35.29 -8.57
C ASN E 141 -22.62 -34.75 -8.30
N LEU E 142 -22.19 -33.81 -9.13
CA LEU E 142 -20.87 -33.20 -9.00
C LEU E 142 -20.74 -32.55 -7.63
N TRP E 143 -21.76 -31.82 -7.21
CA TRP E 143 -21.75 -31.14 -5.92
C TRP E 143 -21.79 -32.08 -4.72
N MET E 144 -22.14 -33.34 -4.96
CA MET E 144 -22.19 -34.30 -3.87
C MET E 144 -20.91 -35.12 -3.75
N LYS E 145 -19.91 -34.79 -4.54
CA LYS E 145 -18.64 -35.50 -4.48
C LYS E 145 -17.89 -35.23 -3.18
N GLN E 146 -18.23 -34.14 -2.50
CA GLN E 146 -17.59 -33.80 -1.21
C GLN E 146 -18.61 -33.36 -0.17
N PRO E 147 -18.85 -34.23 0.83
CA PRO E 147 -19.80 -34.00 1.95
C PRO E 147 -19.70 -32.65 2.68
N GLU E 148 -18.54 -31.99 2.62
CA GLU E 148 -18.36 -30.71 3.28
C GLU E 148 -19.20 -29.63 2.61
N ALA E 149 -19.39 -29.76 1.30
CA ALA E 149 -20.18 -28.81 0.52
C ALA E 149 -21.59 -28.67 1.10
N ALA E 150 -22.31 -29.79 1.14
CA ALA E 150 -23.68 -29.78 1.66
C ALA E 150 -23.74 -29.16 3.06
N ARG E 151 -22.79 -29.54 3.92
CA ARG E 151 -22.72 -29.04 5.30
C ARG E 151 -22.47 -27.54 5.36
N LYS E 152 -21.53 -27.07 4.55
CA LYS E 152 -21.23 -25.65 4.55
C LYS E 152 -22.43 -24.84 4.06
N GLU E 153 -23.09 -25.33 3.01
CA GLU E 153 -24.26 -24.63 2.47
C GLU E 153 -25.34 -24.50 3.54
N SER E 154 -25.53 -25.56 4.32
CA SER E 154 -26.51 -25.60 5.40
C SER E 154 -26.21 -24.60 6.51
N GLU E 155 -24.94 -24.45 6.84
CA GLU E 155 -24.54 -23.51 7.89
C GLU E 155 -24.70 -22.07 7.43
N PHE E 156 -24.40 -21.81 6.16
CA PHE E 156 -24.53 -20.48 5.59
C PHE E 156 -25.97 -19.99 5.79
N LEU E 157 -26.92 -20.86 5.49
CA LEU E 157 -28.35 -20.54 5.58
C LEU E 157 -29.00 -20.51 6.97
N LEU E 158 -28.69 -21.50 7.81
CA LEU E 158 -29.31 -21.57 9.13
C LEU E 158 -28.61 -20.85 10.28
N THR E 159 -27.33 -20.54 10.12
CA THR E 159 -26.58 -19.85 11.18
C THR E 159 -26.13 -18.43 10.79
N SER E 160 -25.18 -18.32 9.88
CA SER E 160 -24.64 -17.02 9.45
C SER E 160 -25.66 -15.99 9.01
N CYS E 161 -26.59 -16.41 8.15
CA CYS E 161 -27.62 -15.52 7.65
C CYS E 161 -28.41 -14.78 8.72
N PRO E 162 -29.07 -15.51 9.63
CA PRO E 162 -29.83 -14.81 10.67
C PRO E 162 -28.92 -13.98 11.58
N GLU E 163 -27.67 -14.42 11.72
CA GLU E 163 -26.70 -13.71 12.54
C GLU E 163 -26.47 -12.32 11.93
N ARG E 164 -26.02 -12.29 10.68
CA ARG E 164 -25.74 -11.05 9.98
C ARG E 164 -26.95 -10.13 9.97
N LEU E 165 -28.13 -10.69 9.71
CA LEU E 165 -29.38 -9.92 9.66
C LEU E 165 -29.68 -9.19 10.98
N LEU E 166 -29.52 -9.89 12.09
CA LEU E 166 -29.75 -9.29 13.40
C LEU E 166 -28.72 -8.18 13.59
N GLY E 167 -27.50 -8.43 13.15
CA GLY E 167 -26.44 -7.44 13.29
C GLY E 167 -26.72 -6.13 12.58
N HIS E 168 -27.17 -6.23 11.33
CA HIS E 168 -27.47 -5.04 10.55
C HIS E 168 -28.70 -4.31 11.09
N LEU E 169 -29.62 -5.04 11.70
CA LEU E 169 -30.83 -4.43 12.28
C LEU E 169 -30.41 -3.52 13.45
N GLU E 170 -29.28 -3.83 14.05
CA GLU E 170 -28.74 -3.10 15.18
C GLU E 170 -27.81 -1.94 14.82
N ARG E 171 -26.70 -2.25 14.13
CA ARG E 171 -25.71 -1.25 13.73
C ARG E 171 -26.08 -0.37 12.55
N GLY E 172 -27.02 -0.83 11.72
CA GLY E 172 -27.41 -0.04 10.57
C GLY E 172 -28.83 0.48 10.63
N ARG E 173 -29.36 0.56 11.85
CA ARG E 173 -30.72 1.04 12.10
C ARG E 173 -31.06 2.37 11.40
N GLN E 174 -30.07 3.27 11.31
CA GLN E 174 -30.26 4.56 10.66
C GLN E 174 -30.51 4.41 9.17
N ASN E 175 -29.76 3.49 8.54
CA ASN E 175 -29.89 3.19 7.11
C ASN E 175 -31.23 2.54 6.81
N LEU E 176 -31.56 1.55 7.62
CA LEU E 176 -32.80 0.79 7.45
C LEU E 176 -34.07 1.59 7.71
N GLU E 177 -33.96 2.71 8.42
CA GLU E 177 -35.14 3.51 8.74
C GLU E 177 -35.31 4.79 7.93
N TRP E 178 -34.46 4.94 6.92
CA TRP E 178 -34.46 6.11 6.03
C TRP E 178 -35.81 6.37 5.33
N LYS E 179 -36.29 7.61 5.43
CA LYS E 179 -37.56 7.98 4.81
C LYS E 179 -37.44 9.37 4.17
N GLU E 180 -37.53 9.41 2.84
CA GLU E 180 -37.44 10.67 2.09
C GLU E 180 -38.69 10.81 1.20
N PRO E 181 -39.39 11.95 1.31
CA PRO E 181 -40.61 12.22 0.54
C PRO E 181 -40.29 12.58 -0.92
N PRO E 182 -41.19 12.22 -1.85
CA PRO E 182 -40.97 12.50 -3.28
C PRO E 182 -41.32 13.90 -3.75
N SER E 183 -40.55 14.42 -4.69
CA SER E 183 -40.86 15.72 -5.30
C SER E 183 -41.80 15.34 -6.45
N MET E 184 -42.97 15.98 -6.53
CA MET E 184 -43.96 15.65 -7.56
C MET E 184 -44.15 16.64 -8.70
N ARG E 185 -44.53 16.09 -9.85
CA ARG E 185 -44.79 16.89 -11.03
C ARG E 185 -45.86 16.20 -11.88
N LEU E 186 -46.79 16.99 -12.42
CA LEU E 186 -47.86 16.49 -13.25
C LEU E 186 -47.81 17.26 -14.57
N LYS E 187 -47.82 16.55 -15.69
CA LYS E 187 -47.75 17.22 -16.99
C LYS E 187 -48.64 16.57 -18.04
N ALA E 188 -49.03 17.39 -19.01
CA ALA E 188 -49.91 16.96 -20.08
C ALA E 188 -49.23 17.04 -21.45
N ARG E 189 -49.66 16.19 -22.39
CA ARG E 189 -49.11 16.18 -23.74
C ARG E 189 -50.09 15.53 -24.73
N PRO E 190 -49.98 15.87 -26.02
CA PRO E 190 -50.87 15.29 -27.04
C PRO E 190 -50.82 13.77 -27.06
N GLY E 191 -51.99 13.16 -27.28
CA GLY E 191 -52.08 11.71 -27.33
C GLY E 191 -52.64 11.26 -28.67
N ASN E 192 -53.40 10.18 -28.68
CA ASN E 192 -53.97 9.69 -29.93
C ASN E 192 -54.98 10.72 -30.45
N SER E 193 -55.66 10.39 -31.54
CA SER E 193 -56.64 11.30 -32.14
C SER E 193 -57.67 11.82 -31.13
N GLY E 194 -57.60 13.12 -30.84
CA GLY E 194 -58.54 13.73 -29.91
C GLY E 194 -58.33 13.44 -28.43
N SER E 195 -57.15 12.95 -28.08
CA SER E 195 -56.86 12.63 -26.67
C SER E 195 -55.61 13.32 -26.18
N SER E 196 -55.44 13.27 -24.86
CA SER E 196 -54.28 13.87 -24.20
C SER E 196 -53.77 12.84 -23.18
N VAL E 197 -52.47 12.88 -22.88
CA VAL E 197 -51.93 11.97 -21.90
C VAL E 197 -51.35 12.74 -20.72
N LEU E 198 -51.78 12.36 -19.52
CA LEU E 198 -51.29 12.98 -18.30
C LEU E 198 -50.23 12.07 -17.67
N THR E 199 -49.14 12.67 -17.19
CA THR E 199 -48.09 11.89 -16.53
C THR E 199 -47.81 12.41 -15.12
N CYS E 200 -48.00 11.55 -14.13
CA CYS E 200 -47.70 11.93 -12.75
C CYS E 200 -46.31 11.31 -12.46
N ALA E 201 -45.33 12.16 -12.14
CA ALA E 201 -43.96 11.70 -11.88
C ALA E 201 -43.45 12.02 -10.49
N ALA E 202 -42.79 11.04 -9.89
CA ALA E 202 -42.24 11.20 -8.55
C ALA E 202 -40.72 11.04 -8.58
N PHE E 203 -40.00 12.01 -8.01
CA PHE E 203 -38.52 12.00 -7.93
C PHE E 203 -37.86 11.83 -6.55
N SER E 204 -36.75 11.07 -6.51
CA SER E 204 -35.94 10.83 -5.31
C SER E 204 -36.65 10.51 -4.00
N PHE E 205 -37.24 9.34 -3.88
CA PHE E 205 -37.92 9.00 -2.64
C PHE E 205 -37.42 7.66 -2.12
N TYR E 206 -37.73 7.41 -0.85
CA TYR E 206 -37.37 6.17 -0.16
C TYR E 206 -38.23 6.09 1.11
N PRO E 207 -38.83 4.91 1.40
CA PRO E 207 -38.79 3.63 0.67
C PRO E 207 -39.49 3.64 -0.70
N PRO E 208 -39.36 2.54 -1.47
CA PRO E 208 -40.00 2.47 -2.80
C PRO E 208 -41.53 2.31 -2.84
N GLU E 209 -42.15 1.95 -1.71
CA GLU E 209 -43.61 1.79 -1.70
C GLU E 209 -44.28 3.15 -1.87
N LEU E 210 -45.17 3.24 -2.87
CA LEU E 210 -45.87 4.49 -3.14
C LEU E 210 -47.24 4.20 -3.76
N LYS E 211 -48.21 5.10 -3.56
CA LYS E 211 -49.57 4.91 -4.11
C LYS E 211 -50.03 6.11 -4.92
N PHE E 212 -50.45 5.86 -6.16
CA PHE E 212 -50.94 6.90 -7.09
C PHE E 212 -52.47 6.87 -7.18
N ARG E 213 -53.10 8.02 -7.33
CA ARG E 213 -54.55 8.09 -7.45
C ARG E 213 -54.95 9.38 -8.17
N PHE E 214 -55.59 9.25 -9.33
CA PHE E 214 -56.02 10.41 -10.12
C PHE E 214 -57.41 10.88 -9.68
N LEU E 215 -57.59 12.19 -9.64
CA LEU E 215 -58.86 12.78 -9.22
C LEU E 215 -59.46 13.70 -10.28
N ARG E 216 -60.78 13.60 -10.45
CA ARG E 216 -61.51 14.46 -11.39
C ARG E 216 -62.61 15.22 -10.65
N ASN E 217 -62.46 16.54 -10.58
CA ASN E 217 -63.41 17.39 -9.87
C ASN E 217 -63.51 16.99 -8.40
N GLY E 218 -62.43 16.45 -7.85
CA GLY E 218 -62.42 16.06 -6.46
C GLY E 218 -62.83 14.63 -6.18
N LEU E 219 -63.16 13.88 -7.23
CA LEU E 219 -63.57 12.48 -7.09
C LEU E 219 -62.56 11.46 -7.63
N ALA E 220 -62.35 10.37 -6.89
CA ALA E 220 -61.42 9.33 -7.32
C ALA E 220 -61.78 8.98 -8.76
N SER E 221 -60.78 8.63 -9.58
CA SER E 221 -61.04 8.30 -10.99
C SER E 221 -60.07 7.29 -11.63
N GLY E 222 -59.32 6.56 -10.81
CA GLY E 222 -58.39 5.58 -11.35
C GLY E 222 -56.95 5.82 -10.91
N SER E 223 -56.11 4.79 -11.09
CA SER E 223 -54.69 4.87 -10.72
C SER E 223 -53.74 5.07 -11.93
N GLY E 224 -54.18 4.67 -13.13
CA GLY E 224 -53.38 4.83 -14.34
C GLY E 224 -52.40 3.70 -14.61
N ASN E 225 -51.57 3.82 -15.64
CA ASN E 225 -50.55 2.79 -15.92
C ASN E 225 -49.28 3.25 -15.18
N CYS E 226 -48.80 2.48 -14.20
CA CYS E 226 -47.62 2.88 -13.42
C CYS E 226 -46.39 1.94 -13.36
N SER E 227 -45.22 2.52 -13.05
CA SER E 227 -43.95 1.78 -12.94
C SER E 227 -42.90 2.52 -12.10
N THR E 228 -41.87 1.79 -11.68
CA THR E 228 -40.80 2.37 -10.88
C THR E 228 -39.39 1.85 -11.21
N GLY E 229 -38.37 2.62 -10.87
CA GLY E 229 -36.99 2.24 -11.14
C GLY E 229 -35.96 2.90 -10.23
N PRO E 230 -34.68 2.44 -10.25
CA PRO E 230 -33.55 2.96 -9.43
C PRO E 230 -33.04 4.31 -9.93
N ASN E 231 -32.84 5.26 -9.01
CA ASN E 231 -32.39 6.58 -9.39
C ASN E 231 -30.90 6.79 -9.56
N GLY E 232 -30.11 5.81 -9.14
CA GLY E 232 -28.66 5.94 -9.26
C GLY E 232 -27.88 6.27 -7.97
N ASP E 233 -28.54 6.88 -6.97
CA ASP E 233 -27.90 7.26 -5.71
C ASP E 233 -28.56 6.63 -4.49
N GLY E 234 -29.30 5.54 -4.68
CA GLY E 234 -29.99 4.90 -3.55
C GLY E 234 -31.49 5.19 -3.48
N SER E 235 -31.93 6.34 -4.00
CA SER E 235 -33.35 6.68 -3.99
C SER E 235 -34.04 6.09 -5.23
N PHE E 236 -35.35 6.31 -5.36
CA PHE E 236 -36.10 5.77 -6.50
C PHE E 236 -36.85 6.79 -7.34
N HIS E 237 -37.32 6.36 -8.50
CA HIS E 237 -38.07 7.21 -9.44
C HIS E 237 -39.32 6.40 -9.88
N ALA E 238 -40.47 7.06 -10.06
CA ALA E 238 -41.69 6.37 -10.52
C ALA E 238 -42.61 7.28 -11.31
N TRP E 239 -43.56 6.69 -12.06
CA TRP E 239 -44.51 7.46 -12.87
C TRP E 239 -45.84 6.70 -13.19
N SER E 240 -46.86 7.45 -13.60
CA SER E 240 -48.17 6.87 -13.93
C SER E 240 -48.84 7.64 -15.06
N LEU E 241 -49.28 6.93 -16.09
CA LEU E 241 -49.94 7.56 -17.22
C LEU E 241 -51.45 7.30 -17.27
N LEU E 242 -52.19 8.35 -17.67
CA LEU E 242 -53.66 8.29 -17.79
C LEU E 242 -54.12 9.08 -19.03
N GLU E 243 -54.91 8.42 -19.87
CA GLU E 243 -55.47 9.04 -21.09
C GLU E 243 -56.78 9.76 -20.76
N VAL E 244 -56.93 10.99 -21.26
CA VAL E 244 -58.14 11.78 -21.05
C VAL E 244 -58.59 12.42 -22.36
N LYS E 245 -59.71 13.13 -22.32
CA LYS E 245 -60.21 13.79 -23.54
C LYS E 245 -59.55 15.15 -23.68
N ARG E 246 -59.11 15.48 -24.89
CA ARG E 246 -58.45 16.74 -25.12
C ARG E 246 -59.34 17.92 -24.70
N GLY E 247 -58.75 18.85 -23.96
CA GLY E 247 -59.51 20.00 -23.51
C GLY E 247 -60.04 19.90 -22.08
N ASP E 248 -60.04 18.70 -21.51
CA ASP E 248 -60.55 18.48 -20.15
C ASP E 248 -59.41 18.25 -19.13
N GLU E 249 -58.16 18.48 -19.54
CA GLU E 249 -57.04 18.22 -18.66
C GLU E 249 -57.00 19.04 -17.37
N HIS E 250 -57.50 20.26 -17.39
CA HIS E 250 -57.45 21.07 -16.18
C HIS E 250 -58.43 20.72 -15.07
N HIS E 251 -59.18 19.64 -15.23
CA HIS E 251 -60.14 19.23 -14.21
C HIS E 251 -59.52 18.13 -13.36
N TYR E 252 -58.33 17.67 -13.78
CA TYR E 252 -57.65 16.59 -13.08
C TYR E 252 -56.59 17.01 -12.08
N GLN E 253 -56.28 16.09 -11.17
CA GLN E 253 -55.25 16.29 -10.16
C GLN E 253 -54.65 14.91 -9.89
N CYS E 254 -53.48 14.90 -9.26
CA CYS E 254 -52.83 13.64 -8.90
C CYS E 254 -52.60 13.67 -7.39
N GLN E 255 -52.82 12.53 -6.72
CA GLN E 255 -52.63 12.44 -5.27
C GLN E 255 -51.80 11.22 -4.89
N VAL E 256 -50.80 11.40 -4.03
CA VAL E 256 -49.98 10.27 -3.62
C VAL E 256 -49.91 10.06 -2.09
N GLU E 257 -49.65 8.82 -1.70
CA GLU E 257 -49.51 8.44 -0.29
C GLU E 257 -48.11 7.82 -0.14
N HIS E 258 -47.38 8.28 0.87
CA HIS E 258 -46.02 7.81 1.11
C HIS E 258 -45.64 7.99 2.58
N GLU E 259 -44.83 7.07 3.08
CA GLU E 259 -44.38 7.06 4.47
C GLU E 259 -43.80 8.36 4.99
N GLY E 260 -43.18 9.12 4.11
CA GLY E 260 -42.57 10.38 4.51
C GLY E 260 -43.47 11.59 4.42
N LEU E 261 -44.77 11.37 4.22
CA LEU E 261 -45.73 12.45 4.14
C LEU E 261 -46.73 12.37 5.29
N ALA E 262 -46.95 13.47 6.01
CA ALA E 262 -47.87 13.47 7.14
C ALA E 262 -49.26 12.99 6.69
N GLN E 263 -49.61 13.29 5.45
CA GLN E 263 -50.89 12.89 4.88
C GLN E 263 -50.85 13.07 3.37
N PRO E 264 -51.85 12.51 2.67
CA PRO E 264 -51.90 12.63 1.21
C PRO E 264 -51.48 13.99 0.69
N LEU E 265 -50.78 13.97 -0.45
CA LEU E 265 -50.31 15.19 -1.12
C LEU E 265 -51.00 15.24 -2.50
N THR E 266 -51.71 16.33 -2.76
CA THR E 266 -52.41 16.51 -4.03
C THR E 266 -51.54 17.36 -4.93
N VAL E 267 -51.54 17.06 -6.23
CA VAL E 267 -50.73 17.80 -7.20
C VAL E 267 -51.51 18.41 -8.34
N ASP E 268 -51.19 19.66 -8.66
CA ASP E 268 -51.84 20.41 -9.74
C ASP E 268 -50.97 20.55 -10.99
N LEU E 269 -51.62 20.76 -12.13
CA LEU E 269 -50.92 20.96 -13.40
C LEU E 269 -50.19 22.30 -13.33
N ILE F 1 -34.55 -20.64 -22.32
CA ILE F 1 -35.57 -19.60 -22.66
C ILE F 1 -34.87 -18.24 -22.78
N GLN F 2 -35.36 -17.40 -23.70
CA GLN F 2 -34.78 -16.07 -23.88
C GLN F 2 -35.85 -15.03 -23.61
N LYS F 3 -35.42 -13.83 -23.23
CA LYS F 3 -36.35 -12.73 -22.94
C LYS F 3 -35.76 -11.39 -23.43
N THR F 4 -36.57 -10.63 -24.15
CA THR F 4 -36.13 -9.34 -24.69
C THR F 4 -36.13 -8.23 -23.65
N PRO F 5 -35.10 -7.36 -23.69
CA PRO F 5 -34.99 -6.26 -22.73
C PRO F 5 -36.03 -5.14 -22.82
N GLN F 6 -36.39 -4.63 -21.65
CA GLN F 6 -37.32 -3.50 -21.51
C GLN F 6 -36.38 -2.28 -21.26
N ILE F 7 -36.64 -1.14 -21.89
CA ILE F 7 -35.77 0.02 -21.77
C ILE F 7 -36.48 1.32 -21.31
N GLN F 8 -36.06 1.87 -20.18
CA GLN F 8 -36.67 3.11 -19.69
C GLN F 8 -35.63 4.24 -19.48
N VAL F 9 -35.96 5.45 -19.93
CA VAL F 9 -35.04 6.58 -19.84
C VAL F 9 -35.64 7.75 -19.07
N TYR F 10 -34.90 8.23 -18.06
CA TYR F 10 -35.34 9.35 -17.23
C TYR F 10 -34.19 10.10 -16.52
N SER F 11 -34.53 11.21 -15.86
CA SER F 11 -33.57 12.03 -15.14
C SER F 11 -33.74 11.92 -13.62
N ARG F 12 -32.66 12.19 -12.89
CA ARG F 12 -32.64 12.07 -11.44
C ARG F 12 -33.51 13.08 -10.69
N HIS F 13 -33.37 14.37 -11.05
CA HIS F 13 -34.14 15.46 -10.43
C HIS F 13 -35.02 16.10 -11.51
N PRO F 14 -36.10 16.82 -11.12
CA PRO F 14 -36.99 17.47 -12.10
C PRO F 14 -36.12 18.30 -13.05
N PRO F 15 -36.20 18.04 -14.36
CA PRO F 15 -35.39 18.76 -15.35
C PRO F 15 -35.70 20.23 -15.61
N GLU F 16 -34.64 20.98 -15.91
CA GLU F 16 -34.72 22.40 -16.26
C GLU F 16 -33.55 22.71 -17.16
N ASN F 17 -33.81 23.38 -18.29
CA ASN F 17 -32.78 23.71 -19.24
C ASN F 17 -31.61 24.49 -18.60
N GLY F 18 -30.39 24.12 -18.98
CA GLY F 18 -29.21 24.79 -18.43
C GLY F 18 -28.78 24.43 -17.03
N LYS F 19 -29.52 23.55 -16.36
CA LYS F 19 -29.19 23.14 -15.00
C LYS F 19 -28.58 21.73 -14.96
N PRO F 20 -27.32 21.60 -14.47
CA PRO F 20 -26.64 20.28 -14.39
C PRO F 20 -27.50 19.24 -13.65
N ASN F 21 -27.57 18.04 -14.21
CA ASN F 21 -28.40 16.94 -13.70
C ASN F 21 -27.70 15.59 -14.03
N PHE F 22 -28.45 14.47 -13.97
CA PHE F 22 -27.92 13.16 -14.31
C PHE F 22 -28.94 12.37 -15.17
N LEU F 23 -28.46 11.77 -16.27
CA LEU F 23 -29.29 10.97 -17.19
C LEU F 23 -29.16 9.47 -16.91
N ASN F 24 -30.32 8.79 -16.80
CA ASN F 24 -30.44 7.35 -16.49
C ASN F 24 -31.08 6.46 -17.59
N CYS F 25 -30.55 5.24 -17.80
CA CYS F 25 -31.13 4.29 -18.76
C CYS F 25 -31.26 2.95 -18.03
N TYR F 26 -32.49 2.59 -17.66
CA TYR F 26 -32.78 1.36 -16.93
C TYR F 26 -33.21 0.24 -17.89
N VAL F 27 -32.34 -0.76 -18.06
CA VAL F 27 -32.59 -1.92 -18.92
C VAL F 27 -32.88 -3.15 -18.03
N SER F 28 -34.06 -3.77 -18.22
CA SER F 28 -34.52 -4.91 -17.43
C SER F 28 -35.26 -6.06 -18.17
N GLN F 29 -35.59 -7.10 -17.40
CA GLN F 29 -36.30 -8.26 -17.90
C GLN F 29 -35.64 -9.01 -19.08
N PHE F 30 -34.32 -9.13 -19.08
CA PHE F 30 -33.67 -9.83 -20.18
C PHE F 30 -32.92 -11.11 -19.77
N HIS F 31 -32.68 -11.97 -20.77
CA HIS F 31 -31.96 -13.24 -20.62
C HIS F 31 -31.61 -13.65 -22.02
N PRO F 32 -30.34 -14.07 -22.28
CA PRO F 32 -29.16 -14.24 -21.42
C PRO F 32 -28.47 -12.91 -21.01
N PRO F 33 -27.57 -12.95 -19.99
CA PRO F 33 -26.87 -11.74 -19.50
C PRO F 33 -25.95 -10.94 -20.44
N GLN F 34 -25.44 -11.56 -21.50
CA GLN F 34 -24.55 -10.85 -22.45
C GLN F 34 -25.31 -9.71 -23.14
N ILE F 35 -24.83 -8.48 -22.98
CA ILE F 35 -25.49 -7.32 -23.57
C ILE F 35 -24.52 -6.13 -23.77
N GLU F 36 -24.90 -5.16 -24.59
CA GLU F 36 -24.09 -3.97 -24.86
C GLU F 36 -25.01 -2.75 -24.75
N ILE F 37 -24.60 -1.73 -24.00
CA ILE F 37 -25.42 -0.52 -23.80
C ILE F 37 -24.60 0.76 -23.95
N GLU F 38 -25.15 1.77 -24.62
CA GLU F 38 -24.45 3.03 -24.74
C GLU F 38 -25.40 4.21 -24.77
N LEU F 39 -24.97 5.31 -24.16
CA LEU F 39 -25.74 6.54 -24.07
C LEU F 39 -25.32 7.40 -25.26
N LEU F 40 -26.28 8.11 -25.84
CA LEU F 40 -26.01 8.93 -27.00
C LEU F 40 -26.40 10.39 -26.82
N LYS F 41 -25.69 11.26 -27.53
CA LYS F 41 -25.98 12.69 -27.55
C LYS F 41 -26.00 13.03 -29.04
N ASN F 42 -27.20 13.40 -29.54
CA ASN F 42 -27.38 13.73 -30.94
C ASN F 42 -26.84 12.63 -31.84
N GLY F 43 -27.11 11.37 -31.46
CA GLY F 43 -26.67 10.23 -32.25
C GLY F 43 -25.23 9.73 -32.12
N LYS F 44 -24.39 10.49 -31.41
CA LYS F 44 -22.98 10.11 -31.23
C LYS F 44 -22.75 9.59 -29.81
N LYS F 45 -21.97 8.52 -29.71
CA LYS F 45 -21.69 7.90 -28.43
C LYS F 45 -20.94 8.78 -27.44
N ILE F 46 -21.48 8.89 -26.24
CA ILE F 46 -20.88 9.68 -25.17
C ILE F 46 -19.79 8.83 -24.51
N PRO F 47 -18.57 9.39 -24.36
CA PRO F 47 -17.44 8.66 -23.75
C PRO F 47 -17.40 8.67 -22.22
N ASN F 48 -16.85 7.61 -21.65
CA ASN F 48 -16.71 7.46 -20.21
C ASN F 48 -17.97 7.50 -19.33
N ILE F 49 -18.94 6.60 -19.58
CA ILE F 49 -20.16 6.57 -18.77
C ILE F 49 -20.01 5.55 -17.66
N GLU F 50 -20.84 5.63 -16.61
CA GLU F 50 -20.77 4.67 -15.51
C GLU F 50 -21.85 3.59 -15.61
N MET F 51 -21.70 2.51 -14.83
CA MET F 51 -22.66 1.40 -14.83
C MET F 51 -22.81 0.72 -13.48
N SER F 52 -24.04 0.51 -13.03
CA SER F 52 -24.26 -0.17 -11.75
C SER F 52 -23.86 -1.67 -11.87
N ASP F 53 -24.03 -2.44 -10.78
CA ASP F 53 -23.73 -3.87 -10.80
C ASP F 53 -24.89 -4.61 -11.54
N LEU F 54 -24.56 -5.65 -12.29
CA LEU F 54 -25.59 -6.42 -13.02
C LEU F 54 -26.26 -7.35 -12.01
N SER F 55 -27.55 -7.14 -11.78
CA SER F 55 -28.33 -7.96 -10.85
C SER F 55 -29.59 -8.62 -11.49
N PHE F 56 -30.47 -9.22 -10.68
CA PHE F 56 -31.68 -9.90 -11.19
C PHE F 56 -32.82 -10.06 -10.16
N SER F 57 -34.06 -10.23 -10.63
CA SER F 57 -35.19 -10.38 -9.70
C SER F 57 -35.75 -11.79 -9.50
N LYS F 58 -36.80 -11.86 -8.67
CA LYS F 58 -37.49 -13.09 -8.30
C LYS F 58 -37.77 -14.04 -9.45
N ASP F 59 -38.20 -13.51 -10.59
CA ASP F 59 -38.48 -14.35 -11.75
C ASP F 59 -37.26 -14.68 -12.64
N TRP F 60 -36.05 -14.46 -12.11
CA TRP F 60 -34.76 -14.74 -12.77
C TRP F 60 -34.26 -13.80 -13.88
N SER F 61 -35.07 -12.85 -14.32
CA SER F 61 -34.59 -11.94 -15.36
C SER F 61 -33.62 -10.84 -14.80
N PHE F 62 -32.65 -10.46 -15.65
CA PHE F 62 -31.59 -9.51 -15.34
C PHE F 62 -31.94 -8.03 -15.54
N TYR F 63 -31.28 -7.17 -14.75
CA TYR F 63 -31.46 -5.73 -14.85
C TYR F 63 -30.15 -5.00 -14.52
N ILE F 64 -30.04 -3.76 -14.98
CA ILE F 64 -28.86 -2.93 -14.78
C ILE F 64 -29.17 -1.45 -15.13
N LEU F 65 -28.36 -0.53 -14.60
CA LEU F 65 -28.50 0.91 -14.84
C LEU F 65 -27.20 1.55 -15.37
N ALA F 66 -27.34 2.38 -16.40
CA ALA F 66 -26.24 3.10 -17.00
C ALA F 66 -26.57 4.59 -16.79
N HIS F 67 -25.57 5.39 -16.41
CA HIS F 67 -25.79 6.83 -16.14
C HIS F 67 -24.56 7.71 -16.35
N THR F 68 -24.82 9.00 -16.51
CA THR F 68 -23.76 9.98 -16.69
C THR F 68 -24.27 11.40 -16.39
N GLU F 69 -23.34 12.30 -16.12
CA GLU F 69 -23.71 13.69 -15.85
C GLU F 69 -24.05 14.34 -17.18
N PHE F 70 -25.05 15.22 -17.18
CA PHE F 70 -25.45 15.96 -18.37
C PHE F 70 -26.25 17.24 -18.02
N THR F 71 -26.38 18.12 -19.00
CA THR F 71 -27.09 19.37 -18.78
C THR F 71 -28.09 19.50 -19.94
N PRO F 72 -29.39 19.41 -19.64
CA PRO F 72 -30.35 19.54 -20.74
C PRO F 72 -30.47 20.95 -21.33
N THR F 73 -30.72 21.02 -22.64
CA THR F 73 -30.92 22.27 -23.36
C THR F 73 -32.07 22.05 -24.33
N GLU F 74 -32.62 23.14 -24.87
CA GLU F 74 -33.74 23.06 -25.80
C GLU F 74 -33.53 22.21 -27.06
N THR F 75 -32.32 22.19 -27.61
CA THR F 75 -32.06 21.43 -28.85
C THR F 75 -31.32 20.08 -28.83
N ASP F 76 -30.59 19.75 -27.78
CA ASP F 76 -29.88 18.47 -27.80
C ASP F 76 -30.81 17.27 -27.57
N VAL F 77 -30.56 16.18 -28.28
CA VAL F 77 -31.38 15.01 -28.15
C VAL F 77 -30.55 13.91 -27.50
N TYR F 78 -31.12 13.30 -26.45
CA TYR F 78 -30.45 12.24 -25.70
C TYR F 78 -31.16 10.91 -25.85
N ALA F 79 -30.38 9.83 -25.89
CA ALA F 79 -30.96 8.50 -26.06
C ALA F 79 -30.11 7.37 -25.49
N CYS F 80 -30.68 6.17 -25.50
CA CYS F 80 -30.02 4.96 -25.00
C CYS F 80 -30.15 3.89 -26.11
N ARG F 81 -29.05 3.22 -26.46
CA ARG F 81 -29.05 2.19 -27.52
C ARG F 81 -28.51 0.82 -27.06
N VAL F 82 -29.27 -0.26 -27.30
CA VAL F 82 -28.83 -1.59 -26.86
C VAL F 82 -28.77 -2.74 -27.91
N LYS F 83 -27.81 -3.65 -27.71
CA LYS F 83 -27.58 -4.80 -28.57
C LYS F 83 -27.71 -6.09 -27.74
N HIS F 84 -28.49 -7.04 -28.25
CA HIS F 84 -28.77 -8.32 -27.58
C HIS F 84 -29.23 -9.41 -28.59
N VAL F 85 -29.02 -10.70 -28.29
CA VAL F 85 -29.44 -11.80 -29.21
C VAL F 85 -30.90 -11.79 -29.70
N THR F 86 -31.82 -11.48 -28.80
CA THR F 86 -33.24 -11.43 -29.13
C THR F 86 -33.64 -10.27 -30.04
N LEU F 87 -32.70 -9.38 -30.36
CA LEU F 87 -32.99 -8.20 -31.21
C LEU F 87 -32.43 -8.34 -32.63
N LYS F 88 -33.28 -8.14 -33.65
CA LYS F 88 -32.83 -8.25 -35.05
C LYS F 88 -31.87 -7.13 -35.50
N GLU F 89 -31.91 -6.00 -34.79
CA GLU F 89 -31.05 -4.85 -35.07
C GLU F 89 -30.98 -4.08 -33.75
N PRO F 90 -29.98 -3.21 -33.58
CA PRO F 90 -29.88 -2.44 -32.32
C PRO F 90 -31.16 -1.66 -32.02
N LYS F 91 -31.48 -1.53 -30.74
CA LYS F 91 -32.69 -0.81 -30.32
C LYS F 91 -32.35 0.53 -29.69
N THR F 92 -32.85 1.62 -30.28
CA THR F 92 -32.59 2.95 -29.74
C THR F 92 -33.89 3.51 -29.19
N VAL F 93 -33.83 4.11 -27.99
CA VAL F 93 -35.00 4.70 -27.32
C VAL F 93 -34.64 6.12 -26.82
N THR F 94 -35.39 7.11 -27.28
CA THR F 94 -35.17 8.53 -26.98
C THR F 94 -35.74 8.98 -25.62
N TRP F 95 -35.03 9.91 -24.98
CA TRP F 95 -35.45 10.43 -23.67
C TRP F 95 -36.67 11.33 -23.78
N ASP F 96 -37.66 11.09 -22.92
CA ASP F 96 -38.91 11.84 -22.84
C ASP F 96 -38.90 12.71 -21.56
N ARG F 97 -38.83 14.02 -21.72
CA ARG F 97 -38.79 14.95 -20.58
C ARG F 97 -39.90 14.94 -19.52
N ASP F 98 -40.91 14.08 -19.65
CA ASP F 98 -41.99 14.07 -18.66
C ASP F 98 -41.94 12.85 -17.72
N MET F 99 -41.08 11.89 -18.05
CA MET F 99 -40.93 10.68 -17.27
C MET F 99 -40.29 10.91 -15.88
C1 NAG G . 27.58 3.11 4.65
C2 NAG G . 26.21 3.81 4.82
C3 NAG G . 26.36 5.32 5.14
C4 NAG G . 27.31 5.45 6.34
C5 NAG G . 28.64 4.85 5.90
C6 NAG G . 29.78 5.08 6.89
C7 NAG G . 24.49 2.71 3.54
C8 NAG G . 23.77 2.50 2.23
N2 NAG G . 25.46 3.60 3.60
O3 NAG G . 25.11 5.89 5.45
O4 NAG G . 27.51 6.80 6.87
O5 NAG G . 28.47 3.43 5.72
O6 NAG G . 29.79 4.02 7.85
O7 NAG G . 24.13 2.07 4.52
C1 NDG G . 26.78 7.90 6.42
C2 NDG G . 27.70 9.13 6.38
C3 NDG G . 27.96 9.69 7.80
C4 NDG G . 26.65 9.94 8.55
C5 NDG G . 25.94 8.58 8.63
C6 NDG G . 24.62 8.62 9.38
C7 NDG G . 29.85 9.59 5.37
C8 NDG G . 31.16 9.07 4.81
O5 NDG G . 25.63 8.11 7.29
O3 NDG G . 28.70 10.90 7.74
O4 NDG G . 26.96 10.52 9.85
O6 NDG G . 23.76 9.63 8.85
O7 NDG G . 29.63 10.81 5.37
N2 NDG G . 28.98 8.70 5.81
C1 BMA G . 26.05 10.55 10.89
C2 BMA G . 26.62 9.65 12.02
C3 BMA G . 25.76 9.77 13.28
C4 BMA G . 25.76 11.25 13.71
C5 BMA G . 25.10 12.05 12.56
C6 BMA G . 24.85 13.56 12.81
O2 BMA G . 27.96 10.03 12.31
O3 BMA G . 26.28 8.93 14.32
O4 BMA G . 25.05 11.40 14.92
O5 BMA G . 25.91 11.92 11.35
O6 BMA G . 24.44 13.79 14.19
C1 MAN G . 23.10 14.18 14.39
C2 MAN G . 22.88 14.59 15.85
C3 MAN G . 23.05 13.38 16.74
C4 MAN G . 21.95 12.36 16.35
C5 MAN G . 22.10 11.98 14.85
C6 MAN G . 20.93 11.15 14.35
O2 MAN G . 21.52 15.05 16.04
O3 MAN G . 22.90 13.75 18.11
O4 MAN G . 22.05 11.19 17.17
O5 MAN G . 22.14 13.17 14.01
O6 MAN G . 21.26 10.48 13.14
C1 NAG G . 21.16 16.34 15.71
C2 NAG G . 19.68 16.52 16.03
C3 NAG G . 19.26 17.96 15.70
C4 NAG G . 20.25 19.04 16.24
C5 NAG G . 21.72 18.62 16.09
C6 NAG G . 22.68 19.48 16.92
C7 NAG G . 18.18 14.59 15.81
C8 NAG G . 17.43 13.66 14.87
N2 NAG G . 18.90 15.56 15.24
O3 NAG G . 17.97 18.20 16.27
O4 NAG G . 20.06 20.27 15.50
O5 NAG G . 21.93 17.25 16.50
O6 NAG G . 22.50 19.29 18.32
O7 NAG G . 18.09 14.43 17.02
C1 GAL G . 19.58 21.38 16.18
C2 GAL G . 19.78 22.63 15.29
C3 GAL G . 19.08 23.86 15.88
C4 GAL G . 17.62 23.54 16.19
C5 GAL G . 17.55 22.30 17.09
C6 GAL G . 16.11 21.91 17.40
O2 GAL G . 21.18 22.89 15.13
O3 GAL G . 19.15 24.96 14.99
O4 GAL G . 16.90 23.29 14.99
O5 GAL G . 18.18 21.18 16.43
O6 GAL G . 16.06 20.77 18.26
C1 FUL G . 29.70 4.46 9.17
C2 FUL G . 28.87 3.46 9.98
O2 FUL G . 29.51 2.20 10.00
C3 FUL G . 28.66 3.94 11.41
O3 FUL G . 27.74 3.09 12.07
C4 FUL G . 28.16 5.39 11.45
O4 FUL G . 26.84 5.45 10.92
C5 FUL G . 29.09 6.28 10.62
C6 FUL G . 28.67 7.73 10.53
O5 FUL G . 29.16 5.78 9.27
C1 NAG H . 16.19 14.85 3.78
C2 NAG H . 16.67 13.35 3.83
C3 NAG H . 18.19 13.36 3.44
C4 NAG H . 18.47 14.09 2.11
C5 NAG H . 17.77 15.47 2.12
C6 NAG H . 17.81 16.31 0.86
C7 NAG H . 15.78 11.62 5.32
C8 NAG H . 15.81 10.98 6.71
N2 NAG H . 16.56 12.68 5.13
O3 NAG H . 18.72 12.04 3.38
O4 NAG H . 19.91 14.26 1.93
O5 NAG H . 16.37 15.31 2.45
O6 NAG H . 18.41 15.61 -0.25
O7 NAG H . 15.03 11.17 4.45
C1 NAG H . 20.44 13.80 0.70
C2 NAG H . 21.81 14.42 0.39
C3 NAG H . 22.44 13.82 -0.88
C4 NAG H . 22.28 12.28 -1.01
C5 NAG H . 20.89 11.82 -0.52
C6 NAG H . 20.79 10.30 -0.37
C7 NAG H . 22.28 16.70 1.01
C8 NAG H . 22.11 18.18 0.72
N2 NAG H . 21.68 15.86 0.18
O3 NAG H . 23.83 14.13 -0.89
O4 NAG H . 22.47 11.88 -2.39
O5 NAG H . 20.58 12.38 0.77
O6 NAG H . 21.38 9.61 -1.47
O7 NAG H . 22.94 16.33 1.98
C1 BMA H . 23.77 11.75 -2.89
C2 BMA H . 24.69 11.04 -1.88
C3 BMA H . 26.09 10.81 -2.48
C4 BMA H . 25.96 10.08 -3.81
C5 BMA H . 25.00 10.84 -4.76
C6 BMA H . 24.76 10.15 -6.11
O2 BMA H . 24.14 9.78 -1.50
O3 BMA H . 26.87 10.03 -1.58
O4 BMA H . 27.23 9.96 -4.42
O5 BMA H . 23.70 11.01 -4.14
O6 BMA H . 25.47 8.89 -6.19
C1 MAN H . 24.64 7.79 -6.47
C2 MAN H . 24.79 7.38 -7.95
C3 MAN H . 23.39 7.04 -8.53
C4 MAN H . 22.65 6.12 -7.56
C5 MAN H . 22.36 6.90 -6.28
C6 MAN H . 22.42 6.09 -4.99
O2 MAN H . 25.68 6.23 -8.05
O3 MAN H . 23.52 6.44 -9.82
O4 MAN H . 21.42 5.65 -8.13
O5 MAN H . 23.27 8.02 -6.12
O6 MAN H . 22.10 6.91 -3.87
C1 NDG H . 26.14 5.87 -9.32
C2 NDG H . 26.49 4.34 -9.43
C3 NDG H . 27.89 4.01 -8.82
C4 NDG H . 28.91 4.95 -9.43
C5 NDG H . 28.52 6.40 -9.08
C6 NDG H . 29.54 7.42 -9.59
C7 NDG H . 25.49 3.00 -7.65
C8 NDG H . 24.31 2.18 -7.20
O5 NDG H . 27.25 6.73 -9.69
O3 NDG H . 28.25 2.67 -9.14
O4 NDG H . 30.25 4.64 -8.97
O6 NDG H . 28.94 8.69 -9.79
O7 NDG H . 26.45 3.16 -6.89
N2 NDG H . 25.42 3.52 -8.87
C1 GAL H . 31.24 4.83 -9.92
C2 GAL H . 32.58 5.23 -9.29
C3 GAL H . 33.56 5.52 -10.43
C4 GAL H . 33.68 4.30 -11.36
C5 GAL H . 32.29 3.81 -11.81
C6 GAL H . 32.34 2.49 -12.58
O2 GAL H . 32.41 6.37 -8.46
O3 GAL H . 34.84 5.85 -9.89
O4 GAL H . 34.38 3.26 -10.69
O5 GAL H . 31.40 3.62 -10.68
O6 GAL H . 33.23 1.56 -11.98
C1 FUC H . 17.55 14.83 -1.04
C2 FUC H . 16.31 15.62 -1.45
C3 FUC H . 15.36 14.73 -2.28
C4 FUC H . 16.09 14.06 -3.45
C5 FUC H . 17.41 13.40 -3.02
C6 FUC H . 17.23 12.10 -2.25
O2 FUC H . 16.71 16.75 -2.22
O3 FUC H . 14.79 13.74 -1.45
O4 FUC H . 15.24 13.06 -4.01
O5 FUC H . 18.21 14.30 -2.20
C1 NAG I . 57.16 -33.89 7.24
C2 NAG I . 58.26 -34.91 6.86
C3 NAG I . 57.96 -35.53 5.49
C4 NAG I . 56.55 -36.13 5.46
C5 NAG I . 55.51 -35.06 5.91
C6 NAG I . 54.10 -35.63 6.02
C7 NAG I . 59.96 -33.54 5.80
C8 NAG I . 61.34 -32.92 5.83
N2 NAG I . 59.58 -34.28 6.85
O3 NAG I . 58.92 -36.53 5.20
O4 NAG I . 56.24 -36.59 4.14
O5 NAG I . 55.87 -34.54 7.22
O6 NAG I . 54.06 -36.75 6.90
O7 NAG I . 59.23 -33.33 4.83
S SO4 J . 19.99 2.99 -17.76
O1 SO4 J . 21.07 2.04 -17.42
O2 SO4 J . 19.96 4.09 -16.76
O3 SO4 J . 20.26 3.55 -19.09
O4 SO4 J . 18.69 2.30 -17.84
S SO4 K . 9.48 11.13 -0.73
O1 SO4 K . 8.68 10.87 -1.94
O2 SO4 K . 8.60 11.60 0.38
O3 SO4 K . 10.48 12.16 -1.06
O4 SO4 K . 10.13 9.86 -0.30
C1 BME L . 31.90 -23.75 25.35
C2 BME L . 31.08 -23.71 24.06
O1 BME L . 31.10 -23.52 26.49
S2 BME L . 31.87 -24.57 22.68
C1 NAG M . -17.78 44.12 -0.94
C2 NAG M . -17.79 43.94 0.60
C3 NAG M . -17.88 45.29 1.33
C4 NAG M . -17.29 46.38 0.42
C5 NAG M . -18.19 46.54 -0.82
C6 NAG M . -17.52 47.26 -1.98
C7 NAG M . -20.10 43.05 0.57
C8 NAG M . -21.08 42.06 1.19
N2 NAG M . -18.86 43.05 1.07
O3 NAG M . -17.17 45.25 2.55
O4 NAG M . -17.22 47.61 1.13
O5 NAG M . -18.64 45.23 -1.32
O6 NAG M . -16.69 48.32 -1.52
O7 NAG M . -20.46 43.78 -0.35
C1 BME N . -16.15 15.57 -8.96
C2 BME N . -14.99 15.26 -9.91
O1 BME N . -17.37 15.00 -9.41
S2 BME N . -14.91 16.33 -11.42
C1 BME O . -23.63 -0.37 -7.30
C2 BME O . -23.31 -0.64 -5.81
O1 BME O . -24.64 -1.24 -7.78
S2 BME O . -21.54 -0.57 -5.33
#